data_9BFC
#
_entry.id   9BFC
#
_cell.length_a   1.00
_cell.length_b   1.00
_cell.length_c   1.00
_cell.angle_alpha   90.00
_cell.angle_beta   90.00
_cell.angle_gamma   90.00
#
_symmetry.space_group_name_H-M   'P 1'
#
loop_
_entity.id
_entity.type
_entity.pdbx_description
1 polymer PHE-GLY-ALA
2 polymer 'Importin subunit beta-1'
3 polymer 'Importin subunit alpha-1'
4 polymer LYS-PRO-ALA-PHE-SER-PHE-GLY
5 polymer ALA-PHE-SER-PHE
6 non-polymer PHENYLALANINE
7 non-polymer GLYCINE
#
loop_
_entity_poly.entity_id
_entity_poly.type
_entity_poly.pdbx_seq_one_letter_code
_entity_poly.pdbx_strand_id
1 'polypeptide(L)' FGA F
2 'polypeptide(L)'
;MELITILEKTVSPDRLELEAAQKFLERAAVENLPTFLVELSRVLANPGNSQVARVAAGLQIKNSLTSKDPDIKAQYQQRW
LAIDANARREVKNYVLHTLGTETYRPSSASQCVAGIACAEIPVNQWPELIPQLVANVTNPNSTEHMKESTLEAIGYICQD
IDPEQLQDKSNEILTAIIQGMRKEEPSNNVKLAATNALLNSLEFTKANFDKESERHFIMQVVCEATQCPDTRVRVAALQN
LVKIMSLYYQYMETYMGPALFAITIEAMKSDIDEVALQGIEFWSNVCDEEMDLAIEASEAAEQGRPPEHTSKFYAKGALQ
YLVPILTQTLTKQDENDDDDDWNPCKAAGVCLMLLATCCEDDIVPHVLPFIKEHIKNPDWRYRDAAVMAFGCILEGPEPS
QLKPLVIQAMPTLIELMKDPSVVVRDTAAWTVGRICELLPEAAINDVYLAPLLQCLIEGLSAEPRVASNVCWAFSSLAEA
AYEAADVADDQEEPATYCLSSSFELIVQKLLETTDRPDGHQNNLRSSAYESLMEIVKNSAKDCYPAVQKTTLVIMERLQQ
VLQMESHIQSTSDRIQFNDLQSLLCATLQNVLRKVQHQDALQISDVVMASLLRMFQSTAGSGGVQEDALMAVSTLVEVLG
GEFLKYMEAFKPFLGIGLKNYAEYQVCLAAVGLVGDLCRALQSNIIPFCDEVMQLLLENLGNENVHRSVKPQILSVFGDI
ALAIGGEFKKYLEVVLNTLQQASQAQVDKSDYDMVDYLNELRESCLEAYTGIVQGLKGDQENVHPDVMLVQPRVEFILSF
IDHIAGDEDHTDGVVACAAGLIGDLCTAFGKDVLKLVEARPMIHELLTEGRRSKTNKAKTLARWATKELRKLKNQA
;
H
3 'polypeptide(L)' MSTNENANTPAARLHRFKNKGKDSTEMRRRRIEVNVELRKAKKDDQMLKRRNV I
4 'polypeptide(L)' KPAFSFG J
5 'polypeptide(L)' AFSF C
#
# COMPACT_ATOMS: atom_id res chain seq x y z
N PHE A 1 -24.62 23.53 12.11
CA PHE A 1 -24.57 22.90 13.43
C PHE A 1 -23.66 23.68 14.36
N GLY A 2 -23.56 24.98 14.12
CA GLY A 2 -22.72 25.84 14.92
C GLY A 2 -21.40 26.16 14.23
N ALA A 3 -20.74 25.12 13.73
CA ALA A 3 -19.47 25.29 13.02
C ALA A 3 -19.69 25.28 11.51
N MET B 1 -32.62 -25.13 -38.61
CA MET B 1 -33.18 -25.04 -37.25
C MET B 1 -33.09 -23.61 -36.72
N GLU B 2 -34.18 -23.14 -36.14
CA GLU B 2 -34.17 -21.84 -35.48
C GLU B 2 -33.29 -21.88 -34.23
N LEU B 3 -32.61 -20.76 -33.97
CA LEU B 3 -31.70 -20.69 -32.83
C LEU B 3 -32.45 -20.57 -31.50
N ILE B 4 -33.75 -20.25 -31.54
CA ILE B 4 -34.56 -20.15 -30.33
C ILE B 4 -34.65 -21.50 -29.63
N THR B 5 -34.88 -22.57 -30.40
CA THR B 5 -34.91 -23.92 -29.84
C THR B 5 -33.55 -24.35 -29.32
N ILE B 6 -32.47 -23.88 -29.96
CA ILE B 6 -31.12 -24.20 -29.50
C ILE B 6 -30.83 -23.53 -28.15
N LEU B 7 -31.28 -22.28 -27.99
CA LEU B 7 -31.13 -21.60 -26.70
C LEU B 7 -31.98 -22.26 -25.62
N GLU B 8 -33.21 -22.66 -25.96
CA GLU B 8 -34.08 -23.36 -25.02
C GLU B 8 -33.50 -24.71 -24.62
N LYS B 9 -32.80 -25.39 -25.53
CA LYS B 9 -32.09 -26.61 -25.20
C LYS B 9 -30.86 -26.33 -24.35
N THR B 10 -30.23 -25.16 -24.54
CA THR B 10 -29.07 -24.81 -23.73
C THR B 10 -29.45 -24.50 -22.28
N VAL B 11 -30.65 -23.96 -22.06
CA VAL B 11 -31.11 -23.74 -20.69
C VAL B 11 -31.48 -25.06 -20.00
N SER B 12 -31.77 -26.11 -20.76
CA SER B 12 -32.34 -27.36 -20.24
C SER B 12 -31.38 -28.09 -19.30
N PRO B 13 -31.89 -28.81 -18.30
CA PRO B 13 -31.01 -29.42 -17.29
C PRO B 13 -30.20 -30.62 -17.80
N ASP B 14 -30.52 -31.19 -18.95
CA ASP B 14 -29.84 -32.40 -19.42
C ASP B 14 -28.61 -32.01 -20.21
N ARG B 15 -27.45 -32.54 -19.80
CA ARG B 15 -26.19 -32.23 -20.48
C ARG B 15 -26.09 -32.90 -21.85
N LEU B 16 -26.86 -33.96 -22.09
CA LEU B 16 -26.85 -34.66 -23.38
C LEU B 16 -27.37 -33.77 -24.50
N GLU B 17 -28.29 -32.86 -24.18
CA GLU B 17 -28.71 -31.84 -25.12
C GLU B 17 -27.90 -30.55 -24.98
N LEU B 18 -27.50 -30.23 -23.74
CA LEU B 18 -26.85 -28.96 -23.44
C LEU B 18 -25.49 -28.85 -24.11
N GLU B 19 -24.69 -29.90 -24.08
CA GLU B 19 -23.33 -29.83 -24.63
C GLU B 19 -23.36 -29.75 -26.15
N ALA B 20 -24.28 -30.50 -26.78
CA ALA B 20 -24.43 -30.43 -28.23
C ALA B 20 -24.94 -29.06 -28.68
N ALA B 21 -25.93 -28.50 -27.95
CA ALA B 21 -26.44 -27.18 -28.30
C ALA B 21 -25.41 -26.09 -28.06
N GLN B 22 -24.62 -26.24 -26.99
CA GLN B 22 -23.55 -25.28 -26.70
C GLN B 22 -22.46 -25.33 -27.77
N LYS B 23 -22.09 -26.52 -28.23
CA LYS B 23 -21.11 -26.63 -29.30
C LYS B 23 -21.64 -26.11 -30.63
N PHE B 24 -22.95 -26.28 -30.89
CA PHE B 24 -23.55 -25.67 -32.07
C PHE B 24 -23.54 -24.15 -31.99
N LEU B 25 -23.80 -23.60 -30.80
CA LEU B 25 -23.77 -22.15 -30.62
C LEU B 25 -22.35 -21.60 -30.82
N GLU B 26 -21.35 -22.31 -30.30
CA GLU B 26 -19.96 -21.92 -30.51
C GLU B 26 -19.57 -22.01 -31.98
N ARG B 27 -20.01 -23.07 -32.67
CA ARG B 27 -19.72 -23.19 -34.10
C ARG B 27 -20.45 -22.15 -34.93
N ALA B 28 -21.61 -21.69 -34.46
CA ALA B 28 -22.29 -20.58 -35.12
C ALA B 28 -21.54 -19.27 -34.91
N ALA B 29 -20.96 -19.08 -33.72
CA ALA B 29 -20.16 -17.89 -33.47
C ALA B 29 -18.85 -17.91 -34.27
N VAL B 30 -18.31 -19.09 -34.54
CA VAL B 30 -17.06 -19.18 -35.29
C VAL B 30 -17.33 -19.10 -36.80
N GLU B 31 -18.41 -19.74 -37.28
CA GLU B 31 -18.63 -19.94 -38.71
C GLU B 31 -18.90 -18.62 -39.43
N ASN B 32 -19.76 -17.78 -38.87
CA ASN B 32 -19.90 -16.40 -39.33
C ASN B 32 -20.37 -15.57 -38.14
N LEU B 33 -19.43 -14.83 -37.54
CA LEU B 33 -19.73 -14.02 -36.36
C LEU B 33 -20.78 -12.91 -36.59
N PRO B 34 -20.70 -12.06 -37.64
CA PRO B 34 -21.73 -11.02 -37.75
C PRO B 34 -23.11 -11.54 -38.14
N THR B 35 -23.20 -12.61 -38.94
CA THR B 35 -24.50 -13.20 -39.26
C THR B 35 -25.17 -13.79 -38.02
N PHE B 36 -24.37 -14.45 -37.17
CA PHE B 36 -24.84 -14.96 -35.89
C PHE B 36 -25.33 -13.84 -34.98
N LEU B 37 -24.59 -12.73 -34.95
CA LEU B 37 -25.00 -11.57 -34.16
C LEU B 37 -26.29 -10.95 -34.70
N VAL B 38 -26.44 -10.88 -36.03
CA VAL B 38 -27.65 -10.33 -36.64
C VAL B 38 -28.87 -11.19 -36.31
N GLU B 39 -28.72 -12.52 -36.42
CA GLU B 39 -29.82 -13.42 -36.11
C GLU B 39 -30.19 -13.37 -34.63
N LEU B 40 -29.20 -13.23 -33.75
CA LEU B 40 -29.50 -13.10 -32.32
C LEU B 40 -30.18 -11.78 -32.00
N SER B 41 -29.82 -10.70 -32.73
CA SER B 41 -30.52 -9.43 -32.56
C SER B 41 -31.97 -9.55 -33.03
N ARG B 42 -32.21 -10.28 -34.12
CA ARG B 42 -33.57 -10.51 -34.59
C ARG B 42 -34.38 -11.32 -33.58
N VAL B 43 -33.75 -12.30 -32.93
CA VAL B 43 -34.42 -13.04 -31.87
C VAL B 43 -34.74 -12.14 -30.68
N LEU B 44 -33.78 -11.28 -30.31
CA LEU B 44 -33.92 -10.45 -29.11
C LEU B 44 -35.00 -9.38 -29.28
N ALA B 45 -35.10 -8.79 -30.47
CA ALA B 45 -36.00 -7.64 -30.66
C ALA B 45 -37.47 -8.03 -30.76
N ASN B 46 -37.79 -9.31 -30.93
CA ASN B 46 -39.17 -9.73 -31.14
C ASN B 46 -39.91 -9.80 -29.82
N PRO B 47 -41.04 -9.10 -29.64
CA PRO B 47 -41.82 -9.24 -28.40
C PRO B 47 -42.54 -10.57 -28.28
N GLY B 48 -42.72 -11.31 -29.36
CA GLY B 48 -43.50 -12.54 -29.31
C GLY B 48 -42.77 -13.76 -28.79
N ASN B 49 -41.46 -13.73 -28.70
CA ASN B 49 -40.69 -14.89 -28.26
C ASN B 49 -40.74 -15.03 -26.74
N SER B 50 -40.35 -16.21 -26.28
CA SER B 50 -40.25 -16.47 -24.85
C SER B 50 -39.10 -15.66 -24.26
N GLN B 51 -39.26 -15.25 -23.00
CA GLN B 51 -38.28 -14.38 -22.36
C GLN B 51 -36.97 -15.11 -22.06
N VAL B 52 -37.03 -16.42 -21.82
CA VAL B 52 -35.83 -17.19 -21.54
C VAL B 52 -34.94 -17.26 -22.78
N ALA B 53 -35.54 -17.42 -23.95
CA ALA B 53 -34.78 -17.43 -25.20
C ALA B 53 -34.17 -16.07 -25.49
N ARG B 54 -34.89 -14.99 -25.17
CA ARG B 54 -34.36 -13.64 -25.39
C ARG B 54 -33.19 -13.34 -24.46
N VAL B 55 -33.29 -13.73 -23.19
CA VAL B 55 -32.20 -13.51 -22.25
C VAL B 55 -30.98 -14.38 -22.62
N ALA B 56 -31.23 -15.63 -23.04
CA ALA B 56 -30.14 -16.49 -23.48
C ALA B 56 -29.50 -15.98 -24.77
N ALA B 57 -30.28 -15.31 -25.63
CA ALA B 57 -29.71 -14.67 -26.81
C ALA B 57 -28.84 -13.48 -26.43
N GLY B 58 -29.32 -12.67 -25.48
CA GLY B 58 -28.56 -11.49 -25.07
C GLY B 58 -27.29 -11.83 -24.31
N LEU B 59 -27.25 -13.01 -23.69
CA LEU B 59 -26.06 -13.46 -22.96
C LEU B 59 -24.85 -13.58 -23.88
N GLN B 60 -25.05 -14.08 -25.10
CA GLN B 60 -23.95 -14.21 -26.05
C GLN B 60 -23.43 -12.85 -26.51
N ILE B 61 -24.33 -11.88 -26.70
CA ILE B 61 -23.92 -10.54 -27.08
C ILE B 61 -23.12 -9.88 -25.96
N LYS B 62 -23.60 -10.03 -24.72
CA LYS B 62 -22.89 -9.48 -23.56
C LYS B 62 -21.52 -10.11 -23.38
N ASN B 63 -21.42 -11.42 -23.61
CA ASN B 63 -20.13 -12.09 -23.51
C ASN B 63 -19.20 -11.70 -24.65
N SER B 64 -19.75 -11.48 -25.85
CA SER B 64 -18.92 -11.13 -26.99
C SER B 64 -18.36 -9.72 -26.87
N LEU B 65 -19.15 -8.78 -26.34
CA LEU B 65 -18.69 -7.39 -26.33
C LEU B 65 -17.70 -7.09 -25.20
N THR B 66 -17.86 -7.73 -24.04
CA THR B 66 -17.08 -7.34 -22.86
C THR B 66 -16.49 -8.58 -22.19
N SER B 67 -15.42 -8.35 -21.44
CA SER B 67 -14.76 -9.37 -20.64
C SER B 67 -14.01 -8.70 -19.50
N LYS B 68 -13.63 -9.49 -18.50
CA LYS B 68 -12.95 -8.96 -17.33
C LYS B 68 -11.45 -8.79 -17.52
N ASP B 69 -10.82 -9.66 -18.31
CA ASP B 69 -9.40 -9.49 -18.64
C ASP B 69 -9.25 -8.33 -19.61
N PRO B 70 -8.38 -7.35 -19.32
CA PRO B 70 -8.38 -6.12 -20.13
C PRO B 70 -7.84 -6.28 -21.54
N ASP B 71 -6.84 -7.15 -21.76
CA ASP B 71 -6.33 -7.36 -23.11
C ASP B 71 -7.34 -8.11 -23.97
N ILE B 72 -8.04 -9.08 -23.37
CA ILE B 72 -9.13 -9.78 -24.04
C ILE B 72 -10.25 -8.81 -24.39
N LYS B 73 -10.55 -7.88 -23.47
CA LYS B 73 -11.54 -6.84 -23.72
C LYS B 73 -11.12 -5.93 -24.86
N ALA B 74 -9.83 -5.58 -24.94
CA ALA B 74 -9.33 -4.72 -26.00
C ALA B 74 -9.45 -5.39 -27.36
N GLN B 75 -9.03 -6.65 -27.47
CA GLN B 75 -9.16 -7.32 -28.76
C GLN B 75 -10.59 -7.69 -29.10
N TYR B 76 -11.48 -7.81 -28.10
CA TYR B 76 -12.90 -7.98 -28.38
C TYR B 76 -13.51 -6.72 -28.96
N GLN B 77 -13.13 -5.56 -28.43
CA GLN B 77 -13.60 -4.30 -29.02
C GLN B 77 -13.03 -4.10 -30.42
N GLN B 78 -11.78 -4.52 -30.64
CA GLN B 78 -11.19 -4.44 -31.98
C GLN B 78 -11.91 -5.34 -32.97
N ARG B 79 -12.26 -6.57 -32.53
CA ARG B 79 -13.00 -7.46 -33.43
C ARG B 79 -14.44 -7.02 -33.64
N TRP B 80 -15.00 -6.22 -32.73
CA TRP B 80 -16.27 -5.55 -33.05
C TRP B 80 -16.07 -4.49 -34.12
N LEU B 81 -14.98 -3.71 -34.02
CA LEU B 81 -14.77 -2.61 -34.96
C LEU B 81 -14.39 -3.07 -36.37
N ALA B 82 -14.08 -4.36 -36.56
CA ALA B 82 -13.71 -4.86 -37.88
C ALA B 82 -14.90 -5.20 -38.76
N ILE B 83 -16.11 -5.15 -38.23
CA ILE B 83 -17.32 -5.54 -38.95
C ILE B 83 -17.80 -4.36 -39.79
N ASP B 84 -18.44 -4.66 -40.92
CA ASP B 84 -18.95 -3.64 -41.83
C ASP B 84 -20.02 -2.80 -41.16
N ALA B 85 -20.09 -1.53 -41.57
CA ALA B 85 -20.89 -0.54 -40.86
C ALA B 85 -22.40 -0.76 -41.04
N ASN B 86 -22.81 -1.42 -42.12
CA ASN B 86 -24.24 -1.65 -42.33
C ASN B 86 -24.76 -2.75 -41.42
N ALA B 87 -24.00 -3.84 -41.25
CA ALA B 87 -24.43 -4.91 -40.34
C ALA B 87 -24.37 -4.44 -38.89
N ARG B 88 -23.35 -3.63 -38.56
CA ARG B 88 -23.28 -2.99 -37.26
C ARG B 88 -24.47 -2.06 -37.04
N ARG B 89 -24.89 -1.36 -38.09
CA ARG B 89 -26.10 -0.53 -38.00
C ARG B 89 -27.36 -1.36 -37.79
N GLU B 90 -27.42 -2.55 -38.41
CA GLU B 90 -28.58 -3.43 -38.21
C GLU B 90 -28.69 -3.89 -36.76
N VAL B 91 -27.58 -4.36 -36.19
CA VAL B 91 -27.64 -4.82 -34.80
C VAL B 91 -27.81 -3.64 -33.83
N LYS B 92 -27.25 -2.46 -34.17
CA LYS B 92 -27.49 -1.25 -33.38
C LYS B 92 -28.96 -0.88 -33.36
N ASN B 93 -29.61 -0.95 -34.54
CA ASN B 93 -31.03 -0.65 -34.65
C ASN B 93 -31.87 -1.61 -33.81
N TYR B 94 -31.60 -2.92 -33.92
CA TYR B 94 -32.41 -3.90 -33.21
C TYR B 94 -32.22 -3.82 -31.70
N VAL B 95 -30.97 -3.66 -31.25
CA VAL B 95 -30.70 -3.58 -29.82
C VAL B 95 -31.27 -2.29 -29.22
N LEU B 96 -31.22 -1.18 -29.97
CA LEU B 96 -31.83 0.05 -29.48
C LEU B 96 -33.36 -0.02 -29.54
N HIS B 97 -33.93 -0.79 -30.47
CA HIS B 97 -35.37 -0.99 -30.50
C HIS B 97 -35.86 -1.87 -29.35
N THR B 98 -34.99 -2.72 -28.81
CA THR B 98 -35.42 -3.67 -27.78
C THR B 98 -35.80 -3.01 -26.45
N LEU B 99 -35.34 -1.78 -26.20
CA LEU B 99 -35.60 -1.13 -24.92
C LEU B 99 -37.09 -0.76 -24.80
N GLY B 100 -37.73 -1.25 -23.74
CA GLY B 100 -39.15 -1.10 -23.56
C GLY B 100 -39.99 -2.26 -24.06
N THR B 101 -39.40 -3.23 -24.72
CA THR B 101 -40.11 -4.37 -25.29
C THR B 101 -39.94 -5.61 -24.41
N GLU B 102 -40.08 -5.42 -23.09
CA GLU B 102 -39.98 -6.50 -22.13
C GLU B 102 -40.72 -6.09 -20.86
N THR B 103 -41.55 -6.99 -20.35
CA THR B 103 -42.29 -6.74 -19.12
C THR B 103 -41.52 -7.09 -17.85
N TYR B 104 -40.52 -7.96 -17.95
CA TYR B 104 -39.65 -8.28 -16.83
C TYR B 104 -38.73 -7.10 -16.55
N ARG B 105 -38.18 -7.05 -15.32
CA ARG B 105 -37.40 -5.88 -14.95
C ARG B 105 -35.89 -6.05 -15.15
N PRO B 106 -35.24 -7.17 -14.79
CA PRO B 106 -33.86 -7.37 -15.27
C PRO B 106 -33.86 -7.68 -16.77
N SER B 107 -33.04 -6.94 -17.51
CA SER B 107 -33.02 -7.01 -18.96
C SER B 107 -31.58 -7.06 -19.47
N SER B 108 -31.36 -7.86 -20.52
CA SER B 108 -30.03 -7.99 -21.11
C SER B 108 -29.71 -6.86 -22.08
N ALA B 109 -30.72 -6.12 -22.53
CA ALA B 109 -30.53 -5.12 -23.57
C ALA B 109 -29.70 -3.93 -23.10
N SER B 110 -29.83 -3.56 -21.81
CA SER B 110 -29.05 -2.45 -21.28
C SER B 110 -27.55 -2.77 -21.26
N GLN B 111 -27.19 -3.98 -20.84
CA GLN B 111 -25.79 -4.36 -20.85
C GLN B 111 -25.26 -4.60 -22.26
N CYS B 112 -26.13 -5.04 -23.18
CA CYS B 112 -25.74 -5.11 -24.60
C CYS B 112 -25.44 -3.72 -25.15
N VAL B 113 -26.28 -2.73 -24.82
CA VAL B 113 -26.06 -1.34 -25.22
C VAL B 113 -24.76 -0.82 -24.63
N ALA B 114 -24.49 -1.16 -23.36
CA ALA B 114 -23.26 -0.73 -22.70
C ALA B 114 -22.01 -1.30 -23.36
N GLY B 115 -22.03 -2.59 -23.70
CA GLY B 115 -20.88 -3.17 -24.38
C GLY B 115 -20.66 -2.62 -25.77
N ILE B 116 -21.75 -2.43 -26.52
CA ILE B 116 -21.69 -1.85 -27.87
C ILE B 116 -21.12 -0.43 -27.82
N ALA B 117 -21.59 0.37 -26.86
CA ALA B 117 -21.11 1.74 -26.72
C ALA B 117 -19.66 1.80 -26.22
N CYS B 118 -19.28 0.86 -25.35
CA CYS B 118 -17.91 0.82 -24.86
C CYS B 118 -16.94 0.43 -25.96
N ALA B 119 -17.40 -0.36 -26.93
CA ALA B 119 -16.51 -0.74 -28.01
C ALA B 119 -16.22 0.39 -29.00
N GLU B 120 -17.09 1.43 -29.10
CA GLU B 120 -16.86 2.41 -30.16
C GLU B 120 -17.26 3.86 -29.85
N ILE B 121 -17.49 4.25 -28.60
CA ILE B 121 -17.53 5.68 -28.27
C ILE B 121 -16.17 6.40 -28.36
N PRO B 122 -14.97 5.78 -28.24
CA PRO B 122 -13.77 6.60 -28.46
C PRO B 122 -13.47 6.91 -29.92
N VAL B 123 -14.26 6.45 -30.89
CA VAL B 123 -13.94 6.68 -32.30
C VAL B 123 -15.08 7.39 -33.01
N ASN B 124 -16.13 7.74 -32.25
CA ASN B 124 -17.25 8.58 -32.70
C ASN B 124 -18.01 7.97 -33.89
N GLN B 125 -18.20 6.67 -33.86
CA GLN B 125 -18.88 5.98 -34.96
C GLN B 125 -20.37 5.80 -34.71
N TRP B 126 -20.91 6.35 -33.61
CA TRP B 126 -22.35 6.33 -33.36
C TRP B 126 -22.73 7.64 -32.69
N PRO B 127 -23.10 8.65 -33.49
CA PRO B 127 -23.51 9.94 -32.91
C PRO B 127 -24.95 9.97 -32.41
N GLU B 128 -25.81 9.07 -32.88
CA GLU B 128 -27.23 9.11 -32.57
C GLU B 128 -27.55 8.53 -31.20
N LEU B 129 -26.62 7.79 -30.60
CA LEU B 129 -26.91 6.97 -29.42
C LEU B 129 -27.24 7.82 -28.19
N ILE B 130 -26.40 8.82 -27.90
CA ILE B 130 -26.66 9.70 -26.76
C ILE B 130 -27.94 10.53 -26.93
N PRO B 131 -28.23 11.15 -28.09
CA PRO B 131 -29.57 11.76 -28.24
C PRO B 131 -30.73 10.78 -28.15
N GLN B 132 -30.55 9.52 -28.57
CA GLN B 132 -31.64 8.56 -28.44
C GLN B 132 -31.90 8.19 -26.98
N LEU B 133 -30.83 7.99 -26.20
CA LEU B 133 -31.00 7.68 -24.78
C LEU B 133 -31.60 8.86 -24.02
N VAL B 134 -31.12 10.07 -24.32
CA VAL B 134 -31.64 11.27 -23.68
C VAL B 134 -33.09 11.51 -24.08
N ALA B 135 -33.44 11.23 -25.34
CA ALA B 135 -34.82 11.37 -25.79
C ALA B 135 -35.73 10.33 -25.16
N ASN B 136 -35.24 9.10 -24.97
CA ASN B 136 -36.04 8.06 -24.34
C ASN B 136 -36.34 8.39 -22.88
N VAL B 137 -35.36 8.95 -22.17
CA VAL B 137 -35.61 9.36 -20.79
C VAL B 137 -36.53 10.59 -20.75
N THR B 138 -36.31 11.57 -21.63
CA THR B 138 -36.98 12.86 -21.54
C THR B 138 -38.43 12.82 -22.04
N ASN B 139 -38.82 11.81 -22.81
CA ASN B 139 -40.15 11.77 -23.40
C ASN B 139 -41.22 11.59 -22.32
N PRO B 140 -42.24 12.46 -22.27
CA PRO B 140 -43.26 12.35 -21.23
C PRO B 140 -44.27 11.24 -21.45
N ASN B 141 -44.17 10.48 -22.54
CA ASN B 141 -45.21 9.50 -22.90
C ASN B 141 -44.92 8.12 -22.32
N SER B 142 -44.71 8.07 -21.00
CA SER B 142 -44.75 6.87 -20.18
C SER B 142 -43.72 5.82 -20.57
N THR B 143 -44.15 4.55 -20.61
CA THR B 143 -43.33 3.35 -20.77
C THR B 143 -42.22 3.32 -19.72
N GLU B 144 -42.54 2.82 -18.53
CA GLU B 144 -41.61 2.85 -17.41
C GLU B 144 -40.47 1.86 -17.60
N HIS B 145 -40.73 0.75 -18.30
CA HIS B 145 -39.69 -0.25 -18.54
C HIS B 145 -38.59 0.29 -19.44
N MET B 146 -38.97 1.06 -20.47
CA MET B 146 -37.99 1.69 -21.34
C MET B 146 -37.13 2.70 -20.59
N LYS B 147 -37.77 3.51 -19.74
CA LYS B 147 -37.06 4.52 -18.96
C LYS B 147 -36.09 3.89 -17.97
N GLU B 148 -36.53 2.81 -17.30
CA GLU B 148 -35.66 2.09 -16.38
C GLU B 148 -34.47 1.47 -17.10
N SER B 149 -34.71 0.83 -18.25
CA SER B 149 -33.62 0.19 -18.98
C SER B 149 -32.64 1.20 -19.58
N THR B 150 -33.12 2.37 -20.03
CA THR B 150 -32.23 3.40 -20.53
C THR B 150 -31.36 3.99 -19.43
N LEU B 151 -31.95 4.24 -18.26
CA LEU B 151 -31.18 4.78 -17.14
C LEU B 151 -30.15 3.77 -16.64
N GLU B 152 -30.53 2.49 -16.62
CA GLU B 152 -29.56 1.45 -16.27
C GLU B 152 -28.46 1.31 -17.32
N ALA B 153 -28.78 1.53 -18.60
CA ALA B 153 -27.75 1.51 -19.64
C ALA B 153 -26.77 2.66 -19.49
N ILE B 154 -27.26 3.85 -19.16
CA ILE B 154 -26.38 5.00 -18.92
C ILE B 154 -25.48 4.75 -17.71
N GLY B 155 -26.05 4.19 -16.64
CA GLY B 155 -25.25 3.85 -15.47
C GLY B 155 -24.23 2.76 -15.73
N TYR B 156 -24.57 1.80 -16.59
CA TYR B 156 -23.61 0.78 -17.02
C TYR B 156 -22.48 1.39 -17.83
N ILE B 157 -22.81 2.36 -18.70
CA ILE B 157 -21.81 2.98 -19.56
C ILE B 157 -20.82 3.80 -18.75
N CYS B 158 -21.31 4.58 -17.77
CA CYS B 158 -20.48 5.56 -17.08
C CYS B 158 -19.38 4.95 -16.21
N GLN B 159 -19.39 3.64 -15.96
CA GLN B 159 -18.35 2.99 -15.16
C GLN B 159 -17.34 2.22 -15.99
N ASP B 160 -17.50 2.14 -17.31
CA ASP B 160 -16.63 1.32 -18.14
C ASP B 160 -15.75 2.12 -19.10
N ILE B 161 -16.18 3.30 -19.52
CA ILE B 161 -15.40 4.13 -20.43
C ILE B 161 -14.24 4.76 -19.67
N ASP B 162 -13.12 4.98 -20.36
CA ASP B 162 -12.12 5.90 -19.87
C ASP B 162 -12.73 7.30 -19.79
N PRO B 163 -12.58 8.01 -18.67
CA PRO B 163 -13.33 9.27 -18.47
C PRO B 163 -12.97 10.39 -19.42
N GLU B 164 -11.81 10.33 -20.07
CA GLU B 164 -11.38 11.40 -20.98
C GLU B 164 -12.22 11.48 -22.24
N GLN B 165 -12.95 10.42 -22.59
CA GLN B 165 -13.82 10.46 -23.75
C GLN B 165 -15.20 10.99 -23.41
N LEU B 166 -15.74 10.63 -22.24
CA LEU B 166 -17.05 11.11 -21.82
C LEU B 166 -17.04 12.53 -21.32
N GLN B 167 -15.86 13.15 -21.17
CA GLN B 167 -15.79 14.57 -20.82
C GLN B 167 -16.34 15.44 -21.94
N ASP B 168 -16.28 14.95 -23.18
CA ASP B 168 -16.91 15.64 -24.30
C ASP B 168 -18.43 15.69 -24.16
N LYS B 169 -19.03 14.56 -23.78
CA LYS B 169 -20.47 14.39 -23.79
C LYS B 169 -21.11 14.44 -22.41
N SER B 170 -20.51 15.17 -21.47
CA SER B 170 -21.00 15.15 -20.10
C SER B 170 -22.17 16.10 -19.84
N ASN B 171 -22.61 16.85 -20.84
CA ASN B 171 -23.69 17.80 -20.60
C ASN B 171 -25.07 17.18 -20.80
N GLU B 172 -25.16 16.10 -21.58
CA GLU B 172 -26.46 15.55 -21.96
C GLU B 172 -26.88 14.37 -21.09
N ILE B 173 -25.94 13.50 -20.74
CA ILE B 173 -26.27 12.34 -19.91
C ILE B 173 -26.58 12.79 -18.47
N LEU B 174 -26.01 13.91 -18.04
CA LEU B 174 -26.38 14.47 -16.73
C LEU B 174 -27.80 14.98 -16.74
N THR B 175 -28.22 15.59 -17.86
CA THR B 175 -29.61 16.02 -18.03
C THR B 175 -30.56 14.83 -17.96
N ALA B 176 -30.20 13.72 -18.63
CA ALA B 176 -31.01 12.51 -18.61
C ALA B 176 -31.10 11.92 -17.20
N ILE B 177 -29.97 11.85 -16.50
CA ILE B 177 -29.92 11.23 -15.17
C ILE B 177 -30.72 12.06 -14.16
N ILE B 178 -30.53 13.38 -14.15
CA ILE B 178 -31.23 14.22 -13.19
C ILE B 178 -32.71 14.38 -13.54
N GLN B 179 -33.08 14.24 -14.82
CA GLN B 179 -34.50 14.09 -15.15
C GLN B 179 -35.06 12.79 -14.57
N GLY B 180 -34.30 11.71 -14.65
CA GLY B 180 -34.77 10.44 -14.11
C GLY B 180 -34.79 10.34 -12.59
N MET B 181 -33.99 11.15 -11.91
CA MET B 181 -33.84 11.05 -10.45
C MET B 181 -34.78 11.98 -9.70
N ARG B 182 -35.64 12.71 -10.39
CA ARG B 182 -36.45 13.74 -9.75
C ARG B 182 -37.57 13.12 -8.93
N LYS B 183 -38.20 13.95 -8.09
CA LYS B 183 -39.12 13.45 -7.08
C LYS B 183 -40.48 13.05 -7.63
N GLU B 184 -40.87 13.56 -8.79
CA GLU B 184 -42.23 13.35 -9.30
C GLU B 184 -42.40 12.04 -10.05
N GLU B 185 -41.34 11.28 -10.26
CA GLU B 185 -41.45 9.98 -10.91
C GLU B 185 -42.12 8.99 -9.96
N PRO B 186 -43.22 8.35 -10.36
CA PRO B 186 -43.91 7.46 -9.42
C PRO B 186 -43.19 6.15 -9.16
N SER B 187 -42.54 5.56 -10.18
CA SER B 187 -41.87 4.28 -9.99
C SER B 187 -40.58 4.46 -9.20
N ASN B 188 -40.40 3.63 -8.16
CA ASN B 188 -39.19 3.70 -7.37
C ASN B 188 -38.03 2.95 -8.00
N ASN B 189 -38.30 2.05 -8.95
CA ASN B 189 -37.22 1.41 -9.69
C ASN B 189 -36.48 2.42 -10.58
N VAL B 190 -37.23 3.37 -11.16
CA VAL B 190 -36.62 4.42 -11.98
C VAL B 190 -35.74 5.32 -11.13
N LYS B 191 -36.22 5.71 -9.94
CA LYS B 191 -35.45 6.52 -9.02
C LYS B 191 -34.20 5.80 -8.55
N LEU B 192 -34.32 4.50 -8.28
CA LEU B 192 -33.17 3.70 -7.86
C LEU B 192 -32.13 3.58 -8.97
N ALA B 193 -32.58 3.39 -10.21
CA ALA B 193 -31.66 3.30 -11.35
C ALA B 193 -30.92 4.60 -11.58
N ALA B 194 -31.63 5.74 -11.51
CA ALA B 194 -30.97 7.02 -11.70
C ALA B 194 -30.03 7.35 -10.56
N THR B 195 -30.39 6.96 -9.33
CA THR B 195 -29.52 7.21 -8.18
C THR B 195 -28.26 6.36 -8.24
N ASN B 196 -28.37 5.12 -8.73
CA ASN B 196 -27.16 4.31 -8.94
C ASN B 196 -26.35 4.80 -10.13
N ALA B 197 -26.97 5.48 -11.09
CA ALA B 197 -26.23 6.00 -12.24
C ALA B 197 -25.42 7.24 -11.90
N LEU B 198 -25.95 8.12 -11.04
CA LEU B 198 -25.24 9.34 -10.69
C LEU B 198 -23.97 9.05 -9.89
N LEU B 199 -23.95 7.95 -9.14
CA LEU B 199 -22.76 7.56 -8.38
C LEU B 199 -21.59 7.21 -9.30
N ASN B 200 -21.87 6.67 -10.48
CA ASN B 200 -20.81 6.46 -11.45
C ASN B 200 -20.50 7.73 -12.23
N SER B 201 -21.52 8.48 -12.64
CA SER B 201 -21.33 9.65 -13.49
C SER B 201 -20.96 10.88 -12.65
N LEU B 202 -19.80 10.82 -12.02
CA LEU B 202 -19.45 11.86 -11.03
C LEU B 202 -18.02 12.35 -11.20
N GLU B 203 -17.12 11.49 -11.68
CA GLU B 203 -15.71 11.85 -11.76
C GLU B 203 -15.44 12.82 -12.91
N PHE B 204 -16.17 12.71 -14.02
CA PHE B 204 -15.95 13.59 -15.16
C PHE B 204 -16.94 14.75 -15.21
N THR B 205 -17.71 14.98 -14.15
CA THR B 205 -18.66 16.08 -14.09
C THR B 205 -18.07 17.31 -13.38
N LYS B 206 -16.78 17.58 -13.58
CA LYS B 206 -16.13 18.64 -12.82
C LYS B 206 -16.55 20.03 -13.29
N ALA B 207 -16.69 20.21 -14.61
CA ALA B 207 -17.10 21.51 -15.13
C ALA B 207 -18.54 21.84 -14.78
N ASN B 208 -19.41 20.82 -14.73
CA ASN B 208 -20.77 21.03 -14.27
C ASN B 208 -20.82 21.32 -12.78
N PHE B 209 -20.01 20.63 -11.99
CA PHE B 209 -20.01 20.82 -10.55
C PHE B 209 -19.27 22.08 -10.12
N ASP B 210 -18.50 22.71 -11.02
CA ASP B 210 -17.84 23.95 -10.68
C ASP B 210 -18.78 25.14 -10.82
N LYS B 211 -19.68 25.10 -11.80
CA LYS B 211 -20.65 26.18 -11.98
C LYS B 211 -21.67 26.16 -10.85
N GLU B 212 -21.99 27.35 -10.35
CA GLU B 212 -22.75 27.49 -9.10
C GLU B 212 -24.19 27.02 -9.26
N SER B 213 -24.88 27.50 -10.31
CA SER B 213 -26.30 27.22 -10.46
C SER B 213 -26.59 25.79 -10.88
N GLU B 214 -25.60 25.10 -11.45
CA GLU B 214 -25.80 23.68 -11.76
C GLU B 214 -25.55 22.81 -10.53
N ARG B 215 -24.50 23.12 -9.75
CA ARG B 215 -24.20 22.31 -8.58
C ARG B 215 -25.24 22.53 -7.48
N HIS B 216 -25.88 23.70 -7.45
CA HIS B 216 -27.02 23.91 -6.55
C HIS B 216 -28.15 22.95 -6.87
N PHE B 217 -28.45 22.76 -8.17
CA PHE B 217 -29.50 21.86 -8.58
C PHE B 217 -29.15 20.41 -8.30
N ILE B 218 -27.89 20.02 -8.53
CA ILE B 218 -27.46 18.65 -8.26
C ILE B 218 -27.54 18.33 -6.77
N MET B 219 -27.10 19.25 -5.92
CA MET B 219 -27.15 19.04 -4.48
C MET B 219 -28.59 19.00 -3.97
N GLN B 220 -29.46 19.87 -4.51
CA GLN B 220 -30.86 19.87 -4.12
C GLN B 220 -31.56 18.57 -4.53
N VAL B 221 -31.24 18.03 -5.70
CA VAL B 221 -31.91 16.81 -6.14
C VAL B 221 -31.36 15.57 -5.43
N VAL B 222 -30.07 15.55 -5.08
CA VAL B 222 -29.54 14.44 -4.27
C VAL B 222 -30.12 14.49 -2.86
N CYS B 223 -30.26 15.69 -2.29
CA CYS B 223 -30.85 15.84 -0.95
C CYS B 223 -32.37 15.50 -0.89
N GLU B 224 -33.05 15.08 -1.96
CA GLU B 224 -34.43 14.62 -1.90
C GLU B 224 -34.54 13.10 -1.89
N ALA B 225 -33.56 12.38 -2.42
CA ALA B 225 -33.62 10.93 -2.47
C ALA B 225 -33.20 10.28 -1.16
N THR B 226 -32.74 11.07 -0.17
CA THR B 226 -32.51 10.59 1.18
C THR B 226 -33.77 10.56 2.01
N GLN B 227 -34.90 11.01 1.47
CA GLN B 227 -36.18 11.00 2.17
C GLN B 227 -37.20 10.11 1.48
N CYS B 228 -36.74 9.16 0.67
CA CYS B 228 -37.57 8.22 -0.06
C CYS B 228 -37.94 7.04 0.85
N PRO B 229 -39.21 6.61 0.83
CA PRO B 229 -39.63 5.49 1.68
C PRO B 229 -39.14 4.11 1.21
N ASP B 230 -38.41 4.03 0.10
CA ASP B 230 -38.05 2.75 -0.50
C ASP B 230 -36.88 2.07 0.22
N THR B 231 -36.05 2.85 0.94
CA THR B 231 -34.83 2.51 1.68
C THR B 231 -33.63 2.14 0.80
N ARG B 232 -33.83 1.41 -0.31
CA ARG B 232 -32.73 1.22 -1.25
C ARG B 232 -32.33 2.55 -1.89
N VAL B 233 -33.32 3.41 -2.17
CA VAL B 233 -33.05 4.76 -2.64
C VAL B 233 -32.32 5.58 -1.57
N ARG B 234 -32.67 5.36 -0.29
CA ARG B 234 -31.99 6.05 0.80
C ARG B 234 -30.52 5.66 0.88
N VAL B 235 -30.24 4.36 0.78
CA VAL B 235 -28.87 3.85 0.80
C VAL B 235 -28.08 4.38 -0.40
N ALA B 236 -28.69 4.33 -1.60
CA ALA B 236 -28.01 4.78 -2.80
C ALA B 236 -27.80 6.29 -2.86
N ALA B 237 -28.63 7.07 -2.15
CA ALA B 237 -28.40 8.51 -2.12
C ALA B 237 -27.33 8.91 -1.11
N LEU B 238 -27.35 8.27 0.07
CA LEU B 238 -26.29 8.51 1.05
C LEU B 238 -24.93 8.06 0.52
N GLN B 239 -24.92 7.00 -0.29
CA GLN B 239 -23.68 6.43 -0.82
C GLN B 239 -22.94 7.37 -1.76
N ASN B 240 -23.64 8.25 -2.48
CA ASN B 240 -22.94 9.25 -3.27
C ASN B 240 -22.89 10.63 -2.61
N LEU B 241 -23.68 10.87 -1.55
CA LEU B 241 -23.41 12.02 -0.70
C LEU B 241 -22.02 11.93 -0.08
N VAL B 242 -21.64 10.70 0.32
CA VAL B 242 -20.29 10.44 0.82
C VAL B 242 -19.22 10.76 -0.23
N LYS B 243 -19.46 10.33 -1.48
CA LYS B 243 -18.49 10.54 -2.55
C LYS B 243 -18.37 12.03 -2.92
N ILE B 244 -19.49 12.76 -2.89
CA ILE B 244 -19.46 14.21 -3.13
C ILE B 244 -18.64 14.92 -2.06
N MET B 245 -18.78 14.49 -0.80
CA MET B 245 -17.93 15.05 0.26
C MET B 245 -16.46 14.71 0.04
N SER B 246 -16.19 13.49 -0.43
CA SER B 246 -14.80 13.06 -0.63
C SER B 246 -14.12 13.82 -1.77
N LEU B 247 -14.83 14.08 -2.86
CA LEU B 247 -14.20 14.66 -4.04
C LEU B 247 -14.27 16.18 -4.09
N TYR B 248 -15.35 16.77 -3.61
CA TYR B 248 -15.54 18.21 -3.79
C TYR B 248 -15.63 18.94 -2.46
N TYR B 249 -14.62 18.75 -1.61
CA TYR B 249 -14.43 19.61 -0.44
C TYR B 249 -14.16 21.03 -0.91
N GLN B 250 -14.54 22.00 -0.05
CA GLN B 250 -14.49 23.47 -0.15
C GLN B 250 -15.64 24.03 -0.96
N TYR B 251 -16.49 23.18 -1.55
CA TYR B 251 -17.78 23.63 -2.07
C TYR B 251 -18.90 23.44 -1.07
N MET B 252 -18.65 22.73 0.04
CA MET B 252 -19.69 22.18 0.88
C MET B 252 -20.14 23.12 1.99
N GLU B 253 -19.63 24.35 2.02
CA GLU B 253 -19.99 25.29 3.08
C GLU B 253 -21.45 25.70 3.00
N THR B 254 -21.99 25.81 1.79
CA THR B 254 -23.40 26.21 1.63
C THR B 254 -24.35 25.13 2.09
N TYR B 255 -23.98 23.86 1.93
CA TYR B 255 -24.90 22.75 2.14
C TYR B 255 -24.74 22.06 3.49
N MET B 256 -23.54 22.08 4.07
CA MET B 256 -23.26 21.28 5.27
C MET B 256 -24.07 21.77 6.47
N GLY B 257 -24.25 23.09 6.58
CA GLY B 257 -25.00 23.67 7.67
C GLY B 257 -26.47 23.29 7.68
N PRO B 258 -27.27 23.91 6.79
CA PRO B 258 -28.72 23.70 6.85
C PRO B 258 -29.23 22.52 6.03
N ALA B 259 -28.46 21.44 5.91
CA ALA B 259 -28.94 20.24 5.22
C ALA B 259 -28.24 18.97 5.67
N LEU B 260 -26.96 18.83 5.31
CA LEU B 260 -26.28 17.53 5.34
C LEU B 260 -26.01 17.05 6.76
N PHE B 261 -25.88 17.98 7.72
CA PHE B 261 -25.65 17.60 9.11
C PHE B 261 -26.81 16.79 9.67
N ALA B 262 -28.04 17.30 9.51
CA ALA B 262 -29.22 16.64 10.04
C ALA B 262 -29.46 15.31 9.35
N ILE B 263 -29.24 15.26 8.03
CA ILE B 263 -29.41 14.02 7.27
C ILE B 263 -28.45 12.95 7.76
N THR B 264 -27.18 13.32 7.95
CA THR B 264 -26.18 12.34 8.34
C THR B 264 -26.35 11.88 9.79
N ILE B 265 -26.72 12.80 10.70
CA ILE B 265 -26.94 12.43 12.11
C ILE B 265 -28.15 11.50 12.24
N GLU B 266 -29.25 11.85 11.56
CA GLU B 266 -30.45 11.02 11.61
C GLU B 266 -30.22 9.67 10.91
N ALA B 267 -29.34 9.63 9.91
CA ALA B 267 -28.95 8.34 9.35
C ALA B 267 -28.13 7.52 10.33
N MET B 268 -27.29 8.17 11.15
CA MET B 268 -26.49 7.46 12.14
C MET B 268 -27.37 6.79 13.19
N LYS B 269 -28.45 7.43 13.59
CA LYS B 269 -29.26 6.87 14.68
C LYS B 269 -30.23 5.78 14.23
N SER B 270 -30.18 5.32 12.98
CA SER B 270 -31.14 4.35 12.47
C SER B 270 -30.88 2.95 13.01
N ASP B 271 -31.92 2.11 12.96
CA ASP B 271 -31.83 0.72 13.41
C ASP B 271 -31.68 -0.25 12.24
N ILE B 272 -31.41 0.25 11.04
CA ILE B 272 -31.09 -0.57 9.88
C ILE B 272 -29.59 -0.46 9.65
N ASP B 273 -28.96 -1.59 9.30
CA ASP B 273 -27.50 -1.65 9.27
C ASP B 273 -26.90 -0.81 8.14
N GLU B 274 -27.36 -1.03 6.91
CA GLU B 274 -26.79 -0.37 5.74
C GLU B 274 -27.11 1.11 5.67
N VAL B 275 -28.06 1.59 6.47
CA VAL B 275 -28.35 3.02 6.50
C VAL B 275 -27.52 3.74 7.56
N ALA B 276 -27.24 3.10 8.69
CA ALA B 276 -26.37 3.70 9.69
C ALA B 276 -24.90 3.65 9.28
N LEU B 277 -24.53 2.64 8.48
CA LEU B 277 -23.16 2.47 8.06
C LEU B 277 -22.67 3.64 7.20
N GLN B 278 -23.53 4.15 6.32
CA GLN B 278 -23.16 5.28 5.48
C GLN B 278 -23.06 6.57 6.28
N GLY B 279 -23.92 6.74 7.28
CA GLY B 279 -23.82 7.89 8.16
C GLY B 279 -22.55 7.90 8.98
N ILE B 280 -22.04 6.72 9.34
CA ILE B 280 -20.73 6.65 9.96
C ILE B 280 -19.63 7.00 8.96
N GLU B 281 -19.71 6.45 7.73
CA GLU B 281 -18.64 6.57 6.74
C GLU B 281 -18.46 8.01 6.25
N PHE B 282 -19.55 8.79 6.19
CA PHE B 282 -19.47 10.21 5.82
C PHE B 282 -18.54 10.98 6.76
N TRP B 283 -18.78 10.86 8.07
CA TRP B 283 -17.98 11.61 9.03
C TRP B 283 -16.57 11.07 9.14
N SER B 284 -16.39 9.77 8.86
CA SER B 284 -15.03 9.23 8.76
C SER B 284 -14.24 9.88 7.63
N ASN B 285 -14.88 10.09 6.47
CA ASN B 285 -14.20 10.76 5.37
C ASN B 285 -13.90 12.22 5.68
N VAL B 286 -14.82 12.89 6.40
CA VAL B 286 -14.56 14.26 6.84
C VAL B 286 -13.32 14.32 7.74
N CYS B 287 -13.19 13.35 8.65
CA CYS B 287 -12.02 13.29 9.50
C CYS B 287 -10.73 12.96 8.75
N ASP B 288 -10.80 12.29 7.60
CA ASP B 288 -9.59 12.12 6.79
C ASP B 288 -9.15 13.45 6.13
N GLU B 289 -10.11 14.13 5.50
CA GLU B 289 -9.79 15.34 4.73
C GLU B 289 -9.29 16.45 5.64
N GLU B 290 -9.89 16.60 6.83
CA GLU B 290 -9.48 17.67 7.72
C GLU B 290 -8.14 17.42 8.41
N MET B 291 -7.60 16.20 8.34
CA MET B 291 -6.24 15.96 8.81
C MET B 291 -5.21 16.25 7.73
N ASP B 292 -5.53 15.91 6.47
CA ASP B 292 -4.61 16.26 5.38
C ASP B 292 -4.46 17.77 5.22
N LEU B 293 -5.57 18.52 5.39
CA LEU B 293 -5.49 19.98 5.30
C LEU B 293 -4.63 20.57 6.41
N ALA B 294 -4.66 19.99 7.62
CA ALA B 294 -3.81 20.48 8.71
C ALA B 294 -2.34 20.18 8.47
N ILE B 295 -2.03 19.03 7.88
CA ILE B 295 -0.64 18.71 7.52
C ILE B 295 -0.08 19.74 6.54
N GLU B 296 -0.87 20.08 5.51
CA GLU B 296 -0.38 21.07 4.55
C GLU B 296 -0.36 22.48 5.14
N ALA B 297 -1.28 22.79 6.07
CA ALA B 297 -1.24 24.08 6.74
C ALA B 297 -0.05 24.25 7.66
N SER B 298 0.52 23.15 8.18
CA SER B 298 1.78 23.27 8.89
C SER B 298 2.97 23.37 7.92
N GLU B 299 2.95 22.58 6.84
CA GLU B 299 4.07 22.53 5.91
C GLU B 299 4.29 23.87 5.20
N ALA B 300 3.20 24.51 4.78
CA ALA B 300 3.35 25.81 4.13
C ALA B 300 3.72 26.90 5.13
N ALA B 301 3.28 26.76 6.39
CA ALA B 301 3.62 27.76 7.40
C ALA B 301 5.07 27.68 7.85
N GLU B 302 5.72 26.52 7.67
CA GLU B 302 7.16 26.46 7.95
C GLU B 302 7.95 27.34 6.99
N GLN B 303 7.56 27.37 5.72
CA GLN B 303 8.20 28.23 4.74
C GLN B 303 7.66 29.65 4.73
N GLY B 304 6.70 29.96 5.60
CA GLY B 304 6.14 31.29 5.69
C GLY B 304 5.06 31.60 4.68
N ARG B 305 4.75 30.69 3.78
CA ARG B 305 3.73 30.88 2.76
C ARG B 305 2.35 30.51 3.30
N PRO B 306 1.29 31.16 2.82
CA PRO B 306 -0.05 30.66 3.08
C PRO B 306 -0.27 29.36 2.33
N PRO B 307 -1.08 28.45 2.86
CA PRO B 307 -1.33 27.18 2.17
C PRO B 307 -2.30 27.37 1.02
N GLU B 308 -2.37 26.34 0.17
CA GLU B 308 -3.27 26.38 -0.98
C GLU B 308 -4.73 26.34 -0.55
N HIS B 309 -5.07 25.46 0.39
CA HIS B 309 -6.44 25.25 0.81
C HIS B 309 -6.53 25.29 2.32
N THR B 310 -7.50 26.04 2.84
CA THR B 310 -7.75 26.12 4.27
C THR B 310 -8.81 25.10 4.68
N SER B 311 -8.79 24.75 5.97
CA SER B 311 -9.78 23.84 6.53
C SER B 311 -10.95 24.62 7.12
N LYS B 312 -12.02 23.91 7.42
CA LYS B 312 -13.24 24.52 7.93
C LYS B 312 -13.65 24.02 9.31
N PHE B 313 -13.01 22.95 9.82
CA PHE B 313 -13.22 22.40 11.17
C PHE B 313 -14.67 21.97 11.41
N TYR B 314 -15.09 20.97 10.65
CA TYR B 314 -16.42 20.38 10.84
C TYR B 314 -16.41 19.35 11.95
N ALA B 315 -15.40 18.46 11.96
CA ALA B 315 -15.33 17.37 12.92
C ALA B 315 -15.11 17.88 14.33
N LYS B 316 -14.30 18.92 14.48
CA LYS B 316 -14.10 19.54 15.80
C LYS B 316 -15.37 20.23 16.28
N GLY B 317 -16.19 20.74 15.36
CA GLY B 317 -17.44 21.35 15.75
C GLY B 317 -18.58 20.39 16.00
N ALA B 318 -18.47 19.15 15.53
CA ALA B 318 -19.56 18.18 15.65
C ALA B 318 -19.37 17.15 16.75
N LEU B 319 -18.42 17.36 17.67
CA LEU B 319 -17.99 16.32 18.61
C LEU B 319 -19.08 15.96 19.60
N GLN B 320 -19.73 16.97 20.18
CA GLN B 320 -20.72 16.75 21.24
C GLN B 320 -22.00 16.09 20.74
N TYR B 321 -22.21 16.04 19.42
CA TYR B 321 -23.29 15.29 18.83
C TYR B 321 -22.85 13.93 18.32
N LEU B 322 -21.60 13.81 17.85
CA LEU B 322 -21.14 12.53 17.33
C LEU B 322 -20.84 11.52 18.43
N VAL B 323 -20.16 11.94 19.49
CA VAL B 323 -19.66 11.02 20.53
C VAL B 323 -20.76 10.27 21.30
N PRO B 324 -21.87 10.89 21.77
CA PRO B 324 -22.91 10.06 22.43
C PRO B 324 -23.59 9.04 21.54
N ILE B 325 -23.52 9.18 20.22
CA ILE B 325 -24.02 8.14 19.32
C ILE B 325 -22.97 7.06 19.12
N LEU B 326 -21.70 7.47 18.96
CA LEU B 326 -20.62 6.54 18.67
C LEU B 326 -20.33 5.62 19.85
N THR B 327 -20.47 6.13 21.08
CA THR B 327 -20.31 5.29 22.25
C THR B 327 -21.45 4.27 22.37
N GLN B 328 -22.67 4.73 22.12
CA GLN B 328 -23.86 3.87 22.25
C GLN B 328 -23.88 2.78 21.19
N THR B 329 -23.36 3.05 19.99
CA THR B 329 -23.31 2.05 18.93
C THR B 329 -22.40 0.87 19.26
N LEU B 330 -21.42 1.07 20.15
CA LEU B 330 -20.46 0.03 20.48
C LEU B 330 -21.09 -1.15 21.24
N THR B 331 -22.26 -0.96 21.83
CA THR B 331 -22.91 -2.03 22.57
C THR B 331 -23.69 -2.99 21.68
N LYS B 332 -23.95 -2.62 20.42
CA LYS B 332 -24.76 -3.45 19.52
C LYS B 332 -23.88 -4.57 18.98
N GLN B 333 -23.69 -5.59 19.80
CA GLN B 333 -22.86 -6.74 19.47
C GLN B 333 -23.63 -8.01 19.80
N ASP B 334 -23.54 -9.00 18.92
CA ASP B 334 -24.30 -10.23 19.08
C ASP B 334 -23.57 -11.20 20.00
N GLU B 335 -24.35 -12.14 20.55
CA GLU B 335 -23.79 -13.17 21.40
C GLU B 335 -22.96 -14.17 20.62
N ASN B 336 -23.21 -14.31 19.32
CA ASN B 336 -22.33 -15.06 18.43
C ASN B 336 -22.07 -14.21 17.19
N ASP B 337 -20.80 -14.10 16.81
CA ASP B 337 -20.41 -13.16 15.76
C ASP B 337 -19.18 -13.70 15.05
N ASP B 338 -18.83 -13.05 13.95
CA ASP B 338 -17.67 -13.43 13.15
C ASP B 338 -16.68 -12.27 13.08
N ASP B 339 -15.40 -12.62 12.90
CA ASP B 339 -14.34 -11.62 12.98
C ASP B 339 -14.29 -10.73 11.75
N ASP B 340 -14.51 -11.30 10.56
CA ASP B 340 -14.36 -10.58 9.31
C ASP B 340 -15.61 -9.83 8.89
N ASP B 341 -16.66 -9.84 9.71
CA ASP B 341 -17.95 -9.27 9.35
C ASP B 341 -17.99 -7.81 9.75
N TRP B 342 -18.00 -6.92 8.75
CA TRP B 342 -18.10 -5.49 8.99
C TRP B 342 -19.52 -5.11 9.38
N ASN B 343 -19.66 -4.37 10.48
CA ASN B 343 -20.95 -4.02 11.03
C ASN B 343 -20.83 -2.63 11.65
N PRO B 344 -21.97 -1.95 11.94
CA PRO B 344 -21.90 -0.61 12.55
C PRO B 344 -21.14 -0.50 13.87
N CYS B 345 -21.19 -1.53 14.73
CA CYS B 345 -20.41 -1.51 15.96
C CYS B 345 -18.91 -1.55 15.66
N LYS B 346 -18.52 -2.33 14.65
CA LYS B 346 -17.12 -2.37 14.23
C LYS B 346 -16.71 -1.08 13.52
N ALA B 347 -17.65 -0.37 12.91
CA ALA B 347 -17.35 0.90 12.23
C ALA B 347 -17.19 2.05 13.22
N ALA B 348 -17.97 2.03 14.31
CA ALA B 348 -17.93 3.12 15.27
C ALA B 348 -16.59 3.21 15.98
N GLY B 349 -15.92 2.08 16.18
CA GLY B 349 -14.59 2.10 16.80
C GLY B 349 -13.54 2.76 15.92
N VAL B 350 -13.55 2.45 14.62
CA VAL B 350 -12.60 3.06 13.69
C VAL B 350 -12.89 4.55 13.52
N CYS B 351 -14.17 4.92 13.48
CA CYS B 351 -14.53 6.34 13.44
C CYS B 351 -14.10 7.07 14.71
N LEU B 352 -14.20 6.41 15.87
CA LEU B 352 -13.75 7.00 17.12
C LEU B 352 -12.23 7.16 17.16
N MET B 353 -11.49 6.19 16.62
CA MET B 353 -10.04 6.30 16.54
C MET B 353 -9.61 7.46 15.64
N LEU B 354 -10.25 7.58 14.47
CA LEU B 354 -9.94 8.67 13.55
C LEU B 354 -10.30 10.03 14.15
N LEU B 355 -11.44 10.09 14.86
CA LEU B 355 -11.84 11.30 15.56
C LEU B 355 -10.87 11.67 16.66
N ALA B 356 -10.28 10.66 17.32
CA ALA B 356 -9.27 10.91 18.36
C ALA B 356 -7.99 11.47 17.76
N THR B 357 -7.50 10.89 16.67
CA THR B 357 -6.28 11.41 16.06
C THR B 357 -6.50 12.75 15.36
N CYS B 358 -7.74 13.07 15.00
CA CYS B 358 -8.00 14.36 14.37
C CYS B 358 -8.17 15.47 15.41
N CYS B 359 -9.12 15.31 16.34
CA CYS B 359 -9.45 16.37 17.27
C CYS B 359 -8.51 16.46 18.47
N GLU B 360 -7.72 15.41 18.74
CA GLU B 360 -6.62 15.38 19.71
C GLU B 360 -7.14 15.62 21.12
N ASP B 361 -6.75 16.70 21.80
CA ASP B 361 -6.95 16.86 23.24
C ASP B 361 -8.39 17.12 23.65
N ASP B 362 -9.29 17.38 22.70
CA ASP B 362 -10.66 17.75 23.06
C ASP B 362 -11.60 16.56 23.16
N ILE B 363 -11.17 15.36 22.79
CA ILE B 363 -12.10 14.24 22.73
C ILE B 363 -12.36 13.61 24.11
N VAL B 364 -11.39 13.68 25.02
CA VAL B 364 -11.45 12.99 26.31
C VAL B 364 -12.58 13.45 27.25
N PRO B 365 -12.89 14.74 27.43
CA PRO B 365 -14.03 15.09 28.32
C PRO B 365 -15.40 14.65 27.82
N HIS B 366 -15.52 14.21 26.56
CA HIS B 366 -16.77 13.65 26.08
C HIS B 366 -16.82 12.12 26.19
N VAL B 367 -15.69 11.46 26.28
CA VAL B 367 -15.65 10.00 26.32
C VAL B 367 -15.56 9.48 27.75
N LEU B 368 -14.84 10.19 28.61
CA LEU B 368 -14.49 9.68 29.94
C LEU B 368 -15.66 9.35 30.88
N PRO B 369 -16.77 10.10 30.95
CA PRO B 369 -17.90 9.62 31.79
C PRO B 369 -18.50 8.28 31.36
N PHE B 370 -18.46 7.96 30.06
CA PHE B 370 -18.99 6.67 29.60
C PHE B 370 -18.19 5.51 30.17
N ILE B 371 -16.86 5.59 30.07
CA ILE B 371 -15.99 4.55 30.61
C ILE B 371 -16.10 4.51 32.13
N LYS B 372 -16.18 5.70 32.76
CA LYS B 372 -16.27 5.79 34.22
C LYS B 372 -17.54 5.16 34.75
N GLU B 373 -18.65 5.29 34.03
CA GLU B 373 -19.90 4.72 34.51
C GLU B 373 -20.14 3.29 34.05
N HIS B 374 -19.45 2.81 33.00
CA HIS B 374 -19.71 1.47 32.49
C HIS B 374 -18.53 0.52 32.62
N ILE B 375 -17.48 0.89 33.35
CA ILE B 375 -16.43 -0.08 33.66
C ILE B 375 -16.95 -1.14 34.62
N LYS B 376 -17.77 -0.74 35.60
CA LYS B 376 -18.39 -1.66 36.54
C LYS B 376 -19.88 -1.74 36.20
N ASN B 377 -20.26 -2.81 35.50
CA ASN B 377 -21.61 -2.98 34.98
C ASN B 377 -21.85 -4.46 34.69
N PRO B 378 -22.85 -5.09 35.31
CA PRO B 378 -23.03 -6.55 35.18
C PRO B 378 -23.69 -6.96 33.85
N ASP B 379 -23.03 -6.63 32.75
CA ASP B 379 -23.50 -6.90 31.40
C ASP B 379 -22.30 -6.76 30.47
N TRP B 380 -22.01 -7.79 29.68
CA TRP B 380 -20.72 -7.85 29.00
C TRP B 380 -20.61 -6.88 27.83
N ARG B 381 -21.73 -6.48 27.23
CA ARG B 381 -21.66 -5.55 26.09
C ARG B 381 -21.24 -4.16 26.54
N TYR B 382 -21.78 -3.67 27.67
CA TYR B 382 -21.41 -2.35 28.14
C TYR B 382 -19.99 -2.29 28.69
N ARG B 383 -19.53 -3.36 29.35
CA ARG B 383 -18.15 -3.41 29.81
C ARG B 383 -17.17 -3.52 28.65
N ASP B 384 -17.50 -4.32 27.64
CA ASP B 384 -16.65 -4.43 26.45
C ASP B 384 -16.59 -3.11 25.69
N ALA B 385 -17.72 -2.40 25.60
CA ALA B 385 -17.75 -1.09 24.97
C ALA B 385 -16.93 -0.08 25.76
N ALA B 386 -16.98 -0.15 27.10
CA ALA B 386 -16.18 0.75 27.93
C ALA B 386 -14.68 0.51 27.74
N VAL B 387 -14.27 -0.75 27.66
CA VAL B 387 -12.85 -1.07 27.46
C VAL B 387 -12.38 -0.63 26.06
N MET B 388 -13.19 -0.87 25.04
CA MET B 388 -12.84 -0.43 23.67
C MET B 388 -12.79 1.08 23.55
N ALA B 389 -13.75 1.79 24.17
CA ALA B 389 -13.77 3.24 24.14
C ALA B 389 -12.60 3.84 24.92
N PHE B 390 -12.13 3.16 25.96
CA PHE B 390 -10.91 3.61 26.63
C PHE B 390 -9.69 3.37 25.78
N GLY B 391 -9.65 2.24 25.05
CA GLY B 391 -8.47 1.94 24.25
C GLY B 391 -8.34 2.73 22.97
N CYS B 392 -9.44 3.32 22.49
CA CYS B 392 -9.36 4.07 21.23
C CYS B 392 -8.69 5.43 21.38
N ILE B 393 -8.75 6.05 22.56
CA ILE B 393 -8.39 7.47 22.69
C ILE B 393 -6.92 7.69 22.99
N LEU B 394 -6.09 6.67 22.84
CA LEU B 394 -4.72 6.77 23.33
C LEU B 394 -3.81 7.58 22.40
N GLU B 395 -3.98 7.44 21.08
CA GLU B 395 -3.03 8.04 20.14
C GLU B 395 -3.27 9.54 19.92
N GLY B 396 -4.40 10.07 20.37
CA GLY B 396 -4.73 11.44 20.11
C GLY B 396 -3.97 12.45 20.95
N PRO B 397 -4.40 12.63 22.21
CA PRO B 397 -3.93 13.78 23.00
C PRO B 397 -2.50 13.72 23.50
N GLU B 398 -2.16 14.65 24.39
CA GLU B 398 -0.80 14.82 24.90
C GLU B 398 -0.52 13.79 25.99
N PRO B 399 0.58 13.02 25.88
CA PRO B 399 0.88 12.00 26.89
C PRO B 399 1.15 12.53 28.29
N SER B 400 1.62 13.78 28.40
CA SER B 400 1.97 14.35 29.70
C SER B 400 0.74 14.55 30.58
N GLN B 401 -0.43 14.76 29.98
CA GLN B 401 -1.69 14.79 30.71
C GLN B 401 -2.52 13.53 30.51
N LEU B 402 -1.99 12.53 29.81
CA LEU B 402 -2.70 11.27 29.59
C LEU B 402 -2.19 10.13 30.47
N LYS B 403 -0.94 10.18 30.91
CA LYS B 403 -0.39 9.14 31.79
C LYS B 403 -1.00 9.03 33.20
N PRO B 404 -1.39 10.13 33.89
CA PRO B 404 -2.11 9.94 35.17
C PRO B 404 -3.44 9.20 35.06
N LEU B 405 -4.09 9.19 33.91
CA LEU B 405 -5.30 8.38 33.76
C LEU B 405 -4.97 6.89 33.76
N VAL B 406 -3.97 6.49 32.96
CA VAL B 406 -3.66 5.06 32.83
C VAL B 406 -2.91 4.54 34.05
N ILE B 407 -2.27 5.41 34.83
CA ILE B 407 -1.58 5.00 36.05
C ILE B 407 -2.58 4.42 37.06
N GLN B 408 -3.71 5.08 37.23
CA GLN B 408 -4.75 4.56 38.11
C GLN B 408 -5.79 3.71 37.37
N ALA B 409 -5.69 3.58 36.05
CA ALA B 409 -6.55 2.65 35.33
C ALA B 409 -5.92 1.27 35.15
N MET B 410 -4.63 1.11 35.40
CA MET B 410 -3.99 -0.20 35.30
C MET B 410 -4.55 -1.30 36.22
N PRO B 411 -4.80 -1.09 37.54
CA PRO B 411 -5.31 -2.22 38.35
C PRO B 411 -6.71 -2.68 37.99
N THR B 412 -7.50 -1.86 37.30
CA THR B 412 -8.78 -2.34 36.79
C THR B 412 -8.59 -3.26 35.59
N LEU B 413 -7.67 -2.90 34.69
CA LEU B 413 -7.43 -3.71 33.50
C LEU B 413 -6.74 -5.02 33.83
N ILE B 414 -5.94 -5.04 34.91
CA ILE B 414 -5.32 -6.28 35.38
C ILE B 414 -6.39 -7.29 35.79
N GLU B 415 -7.43 -6.82 36.51
CA GLU B 415 -8.55 -7.69 36.85
C GLU B 415 -9.39 -8.03 35.63
N LEU B 416 -9.61 -7.05 34.74
CA LEU B 416 -10.48 -7.25 33.58
C LEU B 416 -9.88 -8.13 32.50
N MET B 417 -8.58 -8.44 32.57
CA MET B 417 -8.02 -9.44 31.67
C MET B 417 -8.31 -10.88 32.12
N LYS B 418 -9.09 -11.06 33.19
CA LYS B 418 -9.48 -12.38 33.67
C LYS B 418 -10.98 -12.37 33.99
N ASP B 419 -11.79 -12.15 32.97
CA ASP B 419 -13.22 -11.95 32.86
C ASP B 419 -13.90 -13.26 32.46
N PRO B 420 -15.16 -13.47 32.89
CA PRO B 420 -15.92 -14.62 32.36
C PRO B 420 -16.13 -14.62 30.86
N SER B 421 -16.30 -13.45 30.24
CA SER B 421 -16.59 -13.37 28.82
C SER B 421 -15.31 -13.26 28.00
N VAL B 422 -15.29 -13.95 26.86
CA VAL B 422 -14.10 -13.99 26.00
C VAL B 422 -13.88 -12.63 25.33
N VAL B 423 -14.97 -11.95 24.96
CA VAL B 423 -14.89 -10.71 24.20
C VAL B 423 -14.25 -9.60 25.03
N VAL B 424 -14.60 -9.51 26.31
CA VAL B 424 -14.01 -8.53 27.20
C VAL B 424 -12.52 -8.81 27.41
N ARG B 425 -12.15 -10.10 27.46
CA ARG B 425 -10.73 -10.46 27.57
C ARG B 425 -9.94 -10.03 26.33
N ASP B 426 -10.51 -10.24 25.14
CA ASP B 426 -9.83 -9.84 23.90
C ASP B 426 -9.66 -8.33 23.83
N THR B 427 -10.70 -7.58 24.18
CA THR B 427 -10.59 -6.12 24.18
C THR B 427 -9.62 -5.62 25.23
N ALA B 428 -9.58 -6.26 26.40
CA ALA B 428 -8.64 -5.87 27.45
C ALA B 428 -7.20 -6.11 27.02
N ALA B 429 -6.93 -7.23 26.32
CA ALA B 429 -5.59 -7.49 25.79
C ALA B 429 -5.20 -6.45 24.76
N TRP B 430 -6.15 -6.04 23.90
CA TRP B 430 -5.85 -5.00 22.91
C TRP B 430 -5.53 -3.65 23.56
N THR B 431 -6.29 -3.27 24.59
CA THR B 431 -6.01 -1.99 25.23
C THR B 431 -4.70 -2.01 26.02
N VAL B 432 -4.33 -3.17 26.59
CA VAL B 432 -3.04 -3.29 27.25
C VAL B 432 -1.91 -3.17 26.24
N GLY B 433 -2.08 -3.77 25.05
CA GLY B 433 -1.08 -3.62 23.99
C GLY B 433 -0.92 -2.19 23.52
N ARG B 434 -2.03 -1.45 23.41
CA ARG B 434 -1.92 -0.05 23.04
C ARG B 434 -1.32 0.80 24.15
N ILE B 435 -1.55 0.43 25.42
CA ILE B 435 -0.89 1.10 26.54
C ILE B 435 0.62 0.93 26.45
N CYS B 436 1.08 -0.27 26.12
CA CYS B 436 2.51 -0.49 25.93
C CYS B 436 3.05 0.25 24.72
N GLU B 437 2.26 0.35 23.64
CA GLU B 437 2.75 0.98 22.42
C GLU B 437 2.86 2.50 22.56
N LEU B 438 1.81 3.15 23.04
CA LEU B 438 1.76 4.60 22.99
C LEU B 438 2.31 5.29 24.22
N LEU B 439 2.11 4.73 25.41
CA LEU B 439 2.58 5.31 26.66
C LEU B 439 3.46 4.29 27.37
N PRO B 440 4.71 4.13 26.91
CA PRO B 440 5.51 2.97 27.37
C PRO B 440 6.03 3.11 28.79
N GLU B 441 6.41 4.31 29.22
CA GLU B 441 6.98 4.47 30.55
C GLU B 441 5.94 4.37 31.66
N ALA B 442 4.66 4.55 31.34
CA ALA B 442 3.60 4.35 32.32
C ALA B 442 3.32 2.88 32.57
N ALA B 443 3.76 2.00 31.69
CA ALA B 443 3.60 0.56 31.87
C ALA B 443 4.80 -0.07 32.57
N ILE B 444 6.00 0.48 32.34
CA ILE B 444 7.23 -0.05 32.91
C ILE B 444 7.29 0.18 34.43
N ASN B 445 6.51 1.15 34.93
CA ASN B 445 6.43 1.50 36.36
C ASN B 445 6.15 0.28 37.24
N ASP B 446 7.08 0.03 38.16
CA ASP B 446 7.22 -1.26 38.83
C ASP B 446 6.18 -1.53 39.90
N VAL B 447 5.24 -0.61 40.12
CA VAL B 447 4.13 -0.88 41.03
C VAL B 447 3.25 -2.00 40.48
N TYR B 448 2.97 -1.97 39.19
CA TYR B 448 2.10 -2.95 38.55
C TYR B 448 2.83 -3.86 37.58
N LEU B 449 4.16 -3.81 37.53
CA LEU B 449 4.89 -4.48 36.45
C LEU B 449 4.86 -6.00 36.59
N ALA B 450 5.11 -6.52 37.79
CA ALA B 450 5.03 -7.95 38.04
C ALA B 450 3.62 -8.56 37.87
N PRO B 451 2.52 -7.96 38.39
CA PRO B 451 1.19 -8.51 38.02
C PRO B 451 0.87 -8.41 36.54
N LEU B 452 1.37 -7.38 35.85
CA LEU B 452 1.15 -7.26 34.40
C LEU B 452 1.84 -8.40 33.65
N LEU B 453 3.08 -8.71 34.02
CA LEU B 453 3.78 -9.84 33.43
C LEU B 453 3.11 -11.16 33.76
N GLN B 454 2.59 -11.29 35.00
CA GLN B 454 1.87 -12.51 35.36
C GLN B 454 0.59 -12.67 34.53
N CYS B 455 -0.14 -11.59 34.30
CA CYS B 455 -1.34 -11.62 33.48
C CYS B 455 -1.04 -12.00 32.04
N LEU B 456 0.04 -11.44 31.47
CA LEU B 456 0.36 -11.73 30.08
C LEU B 456 0.88 -13.16 29.91
N ILE B 457 1.69 -13.65 30.85
CA ILE B 457 2.17 -15.02 30.78
C ILE B 457 1.03 -16.02 30.97
N GLU B 458 0.06 -15.70 31.84
CA GLU B 458 -1.13 -16.55 31.95
C GLU B 458 -1.98 -16.50 30.68
N GLY B 459 -2.16 -15.31 30.10
CA GLY B 459 -3.00 -15.14 28.93
C GLY B 459 -2.40 -15.63 27.64
N LEU B 460 -1.12 -16.01 27.64
CA LEU B 460 -0.54 -16.68 26.48
C LEU B 460 -1.12 -18.07 26.23
N SER B 461 -1.82 -18.67 27.19
CA SER B 461 -2.32 -20.04 27.06
C SER B 461 -3.80 -20.12 26.74
N ALA B 462 -4.49 -18.99 26.54
CA ALA B 462 -5.94 -19.00 26.46
C ALA B 462 -6.45 -19.23 25.04
N GLU B 463 -7.60 -18.64 24.71
CA GLU B 463 -8.22 -18.82 23.41
C GLU B 463 -7.38 -18.17 22.31
N PRO B 464 -7.44 -18.69 21.08
CA PRO B 464 -6.61 -18.12 19.99
C PRO B 464 -6.97 -16.70 19.60
N ARG B 465 -8.15 -16.20 19.93
CA ARG B 465 -8.47 -14.82 19.60
C ARG B 465 -7.86 -13.83 20.59
N VAL B 466 -7.39 -14.28 21.75
CA VAL B 466 -6.82 -13.39 22.75
C VAL B 466 -5.30 -13.61 22.93
N ALA B 467 -4.78 -14.79 22.61
CA ALA B 467 -3.34 -15.03 22.67
C ALA B 467 -2.61 -14.18 21.62
N SER B 468 -3.22 -14.02 20.44
CA SER B 468 -2.64 -13.19 19.40
C SER B 468 -2.60 -11.72 19.80
N ASN B 469 -3.61 -11.25 20.54
CA ASN B 469 -3.56 -9.88 21.05
C ASN B 469 -2.56 -9.74 22.18
N VAL B 470 -2.30 -10.81 22.92
CA VAL B 470 -1.29 -10.78 23.97
C VAL B 470 0.12 -10.67 23.38
N CYS B 471 0.34 -11.33 22.23
CA CYS B 471 1.67 -11.37 21.62
C CYS B 471 2.18 -9.99 21.19
N TRP B 472 1.30 -9.15 20.63
CA TRP B 472 1.72 -7.80 20.24
C TRP B 472 2.04 -6.93 21.45
N ALA B 473 1.35 -7.17 22.57
CA ALA B 473 1.68 -6.48 23.82
C ALA B 473 3.06 -6.87 24.32
N PHE B 474 3.41 -8.16 24.20
CA PHE B 474 4.76 -8.61 24.55
C PHE B 474 5.82 -7.96 23.65
N SER B 475 5.52 -7.88 22.35
CA SER B 475 6.46 -7.28 21.39
C SER B 475 6.69 -5.80 21.68
N SER B 476 5.65 -5.08 22.08
CA SER B 476 5.82 -3.68 22.43
C SER B 476 6.55 -3.50 23.76
N LEU B 477 6.26 -4.37 24.73
CA LEU B 477 6.83 -4.26 26.06
C LEU B 477 8.34 -4.48 26.05
N ALA B 478 8.82 -5.39 25.19
CA ALA B 478 10.26 -5.64 25.08
C ALA B 478 11.01 -4.41 24.61
N GLU B 479 10.50 -3.72 23.59
CA GLU B 479 11.15 -2.51 23.10
C GLU B 479 11.08 -1.38 24.12
N ALA B 480 9.95 -1.30 24.86
CA ALA B 480 9.82 -0.26 25.90
C ALA B 480 10.88 -0.44 26.98
N ALA B 481 11.04 -1.67 27.49
CA ALA B 481 12.03 -1.92 28.54
C ALA B 481 13.46 -1.75 28.04
N TYR B 482 13.73 -2.20 26.81
CA TYR B 482 15.07 -2.07 26.24
C TYR B 482 15.46 -0.62 26.03
N GLU B 483 14.53 0.21 25.54
CA GLU B 483 14.85 1.62 25.33
C GLU B 483 14.97 2.36 26.65
N ALA B 484 14.19 1.95 27.67
CA ALA B 484 14.34 2.57 28.99
C ALA B 484 15.68 2.27 29.62
N ALA B 485 16.20 1.05 29.44
CA ALA B 485 17.53 0.76 29.96
C ALA B 485 18.64 1.36 29.10
N ASP B 486 18.41 1.50 27.79
CA ASP B 486 19.45 1.98 26.89
C ASP B 486 19.77 3.46 27.12
N VAL B 487 18.82 4.22 27.65
CA VAL B 487 19.09 5.59 28.09
C VAL B 487 20.08 5.60 29.24
N ALA B 488 19.95 4.65 30.17
CA ALA B 488 20.80 4.62 31.35
C ALA B 488 22.20 4.07 31.06
N ASP B 489 22.31 3.07 30.19
CA ASP B 489 23.52 2.26 30.12
C ASP B 489 24.48 2.73 29.04
N ASP B 490 24.89 4.00 29.16
CA ASP B 490 26.10 4.55 28.57
C ASP B 490 26.20 4.48 27.05
N GLN B 491 27.07 3.61 26.55
CA GLN B 491 27.64 3.72 25.20
C GLN B 491 27.17 2.65 24.23
N GLU B 492 27.21 1.38 24.60
CA GLU B 492 27.09 0.29 23.64
C GLU B 492 25.75 -0.43 23.74
N GLU B 493 25.56 -1.26 24.76
CA GLU B 493 24.42 -2.16 24.89
C GLU B 493 24.10 -2.26 26.37
N PRO B 494 22.82 -2.24 26.76
CA PRO B 494 22.48 -2.35 28.18
C PRO B 494 22.85 -3.70 28.77
N ALA B 495 23.26 -3.66 30.03
CA ALA B 495 23.71 -4.86 30.73
C ALA B 495 22.60 -5.58 31.45
N THR B 496 21.60 -4.86 31.97
CA THR B 496 20.51 -5.45 32.73
C THR B 496 19.31 -4.52 32.66
N TYR B 497 18.16 -5.06 32.24
CA TYR B 497 16.94 -4.26 32.17
C TYR B 497 15.82 -4.86 33.02
N CYS B 498 14.59 -4.40 32.78
CA CYS B 498 13.46 -4.80 33.61
C CYS B 498 13.07 -6.25 33.40
N LEU B 499 13.22 -6.76 32.19
CA LEU B 499 12.75 -8.10 31.84
C LEU B 499 13.83 -9.16 31.90
N SER B 500 15.05 -8.83 32.38
CA SER B 500 16.10 -9.82 32.42
C SER B 500 15.91 -10.84 33.53
N SER B 501 15.15 -10.50 34.56
CA SER B 501 14.79 -11.47 35.59
C SER B 501 13.71 -12.44 35.11
N SER B 502 13.01 -12.10 34.02
CA SER B 502 11.88 -12.87 33.53
C SER B 502 12.00 -13.23 32.05
N PHE B 503 13.18 -13.09 31.45
CA PHE B 503 13.37 -13.37 30.03
C PHE B 503 13.24 -14.86 29.75
N GLU B 504 13.89 -15.67 30.58
CA GLU B 504 13.55 -17.08 30.67
C GLU B 504 12.12 -17.21 31.15
N LEU B 505 11.44 -18.26 30.66
CA LEU B 505 10.02 -18.61 30.77
C LEU B 505 9.14 -17.78 29.85
N ILE B 506 9.40 -16.47 29.70
CA ILE B 506 8.72 -15.70 28.65
C ILE B 506 9.08 -16.25 27.28
N VAL B 507 10.37 -16.50 27.06
CA VAL B 507 10.84 -17.10 25.81
C VAL B 507 10.31 -18.52 25.68
N GLN B 508 10.22 -19.26 26.79
CA GLN B 508 9.75 -20.63 26.75
C GLN B 508 8.27 -20.71 26.41
N LYS B 509 7.45 -19.80 26.96
CA LYS B 509 6.03 -19.78 26.66
C LYS B 509 5.78 -19.37 25.22
N LEU B 510 6.61 -18.47 24.67
CA LEU B 510 6.48 -18.16 23.24
C LEU B 510 6.83 -19.36 22.36
N LEU B 511 7.87 -20.12 22.75
CA LEU B 511 8.22 -21.33 22.02
C LEU B 511 7.15 -22.41 22.15
N GLU B 512 6.41 -22.43 23.26
CA GLU B 512 5.25 -23.32 23.37
C GLU B 512 4.10 -22.85 22.48
N THR B 513 3.87 -21.53 22.43
CA THR B 513 2.76 -20.96 21.67
C THR B 513 2.95 -21.16 20.17
N THR B 514 4.20 -21.29 19.73
CA THR B 514 4.48 -21.55 18.32
C THR B 514 3.91 -22.91 17.86
N ASP B 515 4.00 -23.94 18.70
CA ASP B 515 3.65 -25.30 18.29
C ASP B 515 2.22 -25.71 18.63
N ARG B 516 1.29 -24.77 18.73
CA ARG B 516 -0.10 -25.13 18.95
C ARG B 516 -0.69 -25.77 17.69
N PRO B 517 -1.57 -26.77 17.84
CA PRO B 517 -2.25 -27.33 16.66
C PRO B 517 -3.31 -26.43 16.08
N ASP B 518 -3.91 -25.55 16.88
CA ASP B 518 -4.89 -24.58 16.41
C ASP B 518 -4.27 -23.23 16.06
N GLY B 519 -3.04 -23.24 15.55
CA GLY B 519 -2.33 -22.02 15.23
C GLY B 519 -2.73 -21.33 13.95
N HIS B 520 -3.60 -21.93 13.16
CA HIS B 520 -4.05 -21.31 11.92
C HIS B 520 -5.13 -20.26 12.16
N GLN B 521 -5.70 -20.18 13.35
CA GLN B 521 -6.76 -19.22 13.64
C GLN B 521 -6.16 -17.92 14.17
N ASN B 522 -6.61 -16.81 13.57
CA ASN B 522 -6.33 -15.44 14.05
C ASN B 522 -4.84 -15.11 14.09
N ASN B 523 -4.10 -15.60 13.07
CA ASN B 523 -2.67 -15.31 12.86
C ASN B 523 -1.80 -15.69 14.05
N LEU B 524 -2.12 -16.80 14.72
CA LEU B 524 -1.50 -17.09 16.02
C LEU B 524 -0.03 -17.45 15.87
N ARG B 525 0.29 -18.34 14.92
CA ARG B 525 1.66 -18.77 14.71
C ARG B 525 2.55 -17.62 14.25
N SER B 526 2.06 -16.80 13.32
CA SER B 526 2.84 -15.70 12.80
C SER B 526 3.02 -14.58 13.82
N SER B 527 1.98 -14.28 14.62
CA SER B 527 2.12 -13.26 15.65
C SER B 527 3.04 -13.70 16.76
N ALA B 528 3.01 -15.00 17.11
CA ALA B 528 3.96 -15.52 18.08
C ALA B 528 5.40 -15.44 17.56
N TYR B 529 5.59 -15.72 16.26
CA TYR B 529 6.93 -15.63 15.69
C TYR B 529 7.44 -14.19 15.63
N GLU B 530 6.57 -13.24 15.29
CA GLU B 530 6.98 -11.83 15.28
C GLU B 530 7.32 -11.34 16.68
N SER B 531 6.54 -11.79 17.68
CA SER B 531 6.87 -11.46 19.07
C SER B 531 8.20 -12.08 19.51
N LEU B 532 8.49 -13.30 19.06
CA LEU B 532 9.75 -13.94 19.38
C LEU B 532 10.94 -13.21 18.77
N MET B 533 10.80 -12.76 17.51
CA MET B 533 11.85 -11.97 16.87
C MET B 533 12.08 -10.66 17.61
N GLU B 534 11.00 -9.97 17.99
CA GLU B 534 11.13 -8.68 18.66
C GLU B 534 11.69 -8.83 20.06
N ILE B 535 11.45 -9.95 20.73
CA ILE B 535 12.00 -10.14 22.08
C ILE B 535 13.47 -10.53 22.01
N VAL B 536 13.85 -11.37 21.04
CA VAL B 536 15.25 -11.77 20.89
C VAL B 536 16.12 -10.57 20.47
N LYS B 537 15.59 -9.71 19.59
CA LYS B 537 16.36 -8.55 19.12
C LYS B 537 16.64 -7.55 20.24
N ASN B 538 15.67 -7.29 21.11
CA ASN B 538 15.82 -6.32 22.19
C ASN B 538 16.20 -6.97 23.50
N SER B 539 17.20 -7.84 23.51
CA SER B 539 17.65 -8.49 24.73
C SER B 539 18.84 -7.75 25.31
N ALA B 540 19.07 -7.97 26.61
CA ALA B 540 20.19 -7.36 27.31
C ALA B 540 21.39 -8.30 27.30
N LYS B 541 22.51 -7.83 27.85
CA LYS B 541 23.71 -8.66 27.93
C LYS B 541 23.59 -9.73 29.00
N ASP B 542 22.65 -9.56 29.95
CA ASP B 542 22.42 -10.58 30.97
C ASP B 542 21.79 -11.84 30.40
N CYS B 543 21.04 -11.71 29.31
CA CYS B 543 20.13 -12.77 28.84
C CYS B 543 20.76 -13.68 27.79
N TYR B 544 22.07 -13.65 27.62
CA TYR B 544 22.73 -14.36 26.51
C TYR B 544 22.63 -15.90 26.53
N PRO B 545 22.77 -16.63 27.65
CA PRO B 545 22.58 -18.11 27.58
C PRO B 545 21.18 -18.55 27.15
N ALA B 546 20.15 -17.76 27.44
CA ALA B 546 18.82 -18.05 26.91
C ALA B 546 18.80 -17.93 25.39
N VAL B 547 19.52 -16.95 24.85
CA VAL B 547 19.65 -16.78 23.40
C VAL B 547 20.37 -17.96 22.78
N GLN B 548 21.35 -18.53 23.49
CA GLN B 548 21.99 -19.78 23.04
C GLN B 548 20.99 -20.92 22.95
N LYS B 549 20.12 -21.06 23.96
CA LYS B 549 19.08 -22.09 23.94
C LYS B 549 18.11 -21.91 22.77
N THR B 550 17.68 -20.67 22.54
CA THR B 550 16.76 -20.38 21.42
C THR B 550 17.40 -20.65 20.07
N THR B 551 18.70 -20.35 19.94
CA THR B 551 19.41 -20.64 18.69
C THR B 551 19.44 -22.14 18.42
N LEU B 552 19.69 -22.94 19.46
CA LEU B 552 19.68 -24.39 19.30
C LEU B 552 18.30 -24.91 18.89
N VAL B 553 17.24 -24.39 19.54
CA VAL B 553 15.87 -24.83 19.24
C VAL B 553 15.45 -24.44 17.83
N ILE B 554 15.79 -23.21 17.41
CA ILE B 554 15.43 -22.71 16.08
C ILE B 554 16.12 -23.50 14.99
N MET B 555 17.41 -23.83 15.19
CA MET B 555 18.11 -24.63 14.19
C MET B 555 17.59 -26.07 14.14
N GLU B 556 17.13 -26.61 15.29
CA GLU B 556 16.48 -27.92 15.27
C GLU B 556 15.19 -27.91 14.45
N ARG B 557 14.36 -26.86 14.63
CA ARG B 557 13.13 -26.73 13.85
C ARG B 557 13.42 -26.58 12.36
N LEU B 558 14.44 -25.78 12.03
CA LEU B 558 14.80 -25.56 10.64
C LEU B 558 15.32 -26.83 9.99
N GLN B 559 16.02 -27.67 10.75
CA GLN B 559 16.41 -28.97 10.23
C GLN B 559 15.22 -29.90 10.06
N GLN B 560 14.19 -29.76 10.91
CA GLN B 560 13.00 -30.59 10.76
C GLN B 560 12.23 -30.26 9.49
N VAL B 561 12.10 -28.96 9.16
CA VAL B 561 11.23 -28.53 8.06
C VAL B 561 11.76 -29.01 6.70
N LEU B 562 13.09 -29.17 6.56
CA LEU B 562 13.68 -29.60 5.30
C LEU B 562 13.33 -31.05 4.95
N GLN B 563 12.94 -31.86 5.91
CA GLN B 563 12.44 -33.21 5.64
C GLN B 563 10.94 -33.26 5.43
N MET B 564 10.23 -32.15 5.67
CA MET B 564 8.77 -32.12 5.64
C MET B 564 8.21 -31.85 4.24
N GLU B 565 9.06 -31.54 3.26
CA GLU B 565 8.57 -31.02 1.98
C GLU B 565 7.89 -32.09 1.15
N SER B 566 8.25 -33.36 1.32
CA SER B 566 7.64 -34.43 0.55
C SER B 566 6.28 -34.85 1.09
N HIS B 567 5.92 -34.43 2.29
CA HIS B 567 4.62 -34.77 2.88
C HIS B 567 3.53 -33.79 2.48
N ILE B 568 3.86 -32.80 1.63
CA ILE B 568 2.90 -31.83 1.15
C ILE B 568 2.02 -32.46 0.07
N GLN B 569 0.70 -32.24 0.16
CA GLN B 569 -0.20 -32.83 -0.83
C GLN B 569 -1.13 -31.81 -1.49
N SER B 570 -1.58 -30.79 -0.77
CA SER B 570 -2.62 -29.90 -1.27
C SER B 570 -2.11 -28.46 -1.31
N THR B 571 -2.99 -27.56 -1.80
CA THR B 571 -2.62 -26.15 -1.93
C THR B 571 -2.47 -25.47 -0.58
N SER B 572 -3.35 -25.80 0.37
CA SER B 572 -3.27 -25.24 1.72
C SER B 572 -2.00 -25.69 2.44
N ASP B 573 -1.52 -26.90 2.12
CA ASP B 573 -0.24 -27.36 2.66
C ASP B 573 0.91 -26.47 2.21
N ARG B 574 0.94 -26.09 0.93
CA ARG B 574 1.98 -25.19 0.44
C ARG B 574 1.82 -23.78 1.00
N ILE B 575 0.57 -23.32 1.17
CA ILE B 575 0.32 -21.99 1.71
C ILE B 575 0.80 -21.87 3.15
N GLN B 576 0.56 -22.90 3.98
CA GLN B 576 1.09 -22.86 5.34
C GLN B 576 2.60 -23.12 5.38
N PHE B 577 3.10 -23.98 4.49
CA PHE B 577 4.50 -24.36 4.48
C PHE B 577 5.42 -23.19 4.13
N ASN B 578 5.02 -22.39 3.14
CA ASN B 578 5.83 -21.24 2.75
C ASN B 578 5.87 -20.18 3.84
N ASP B 579 4.75 -20.00 4.56
CA ASP B 579 4.73 -19.09 5.70
C ASP B 579 5.66 -19.56 6.81
N LEU B 580 5.66 -20.87 7.08
CA LEU B 580 6.54 -21.43 8.10
C LEU B 580 8.01 -21.22 7.75
N GLN B 581 8.37 -21.45 6.49
CA GLN B 581 9.76 -21.27 6.06
C GLN B 581 10.18 -19.80 6.11
N SER B 582 9.29 -18.88 5.72
CA SER B 582 9.61 -17.46 5.76
C SER B 582 9.82 -16.98 7.20
N LEU B 583 8.95 -17.41 8.12
CA LEU B 583 9.09 -17.02 9.52
C LEU B 583 10.36 -17.58 10.15
N LEU B 584 10.71 -18.83 9.81
CA LEU B 584 11.95 -19.42 10.33
C LEU B 584 13.18 -18.69 9.80
N CYS B 585 13.18 -18.29 8.52
CA CYS B 585 14.32 -17.56 7.96
C CYS B 585 14.48 -16.18 8.62
N ALA B 586 13.38 -15.48 8.86
CA ALA B 586 13.48 -14.16 9.49
C ALA B 586 13.94 -14.27 10.94
N THR B 587 13.47 -15.30 11.66
CA THR B 587 13.94 -15.54 13.03
C THR B 587 15.42 -15.89 13.05
N LEU B 588 15.90 -16.63 12.05
CA LEU B 588 17.33 -16.94 11.96
C LEU B 588 18.16 -15.69 11.71
N GLN B 589 17.62 -14.76 10.91
CA GLN B 589 18.30 -13.46 10.70
C GLN B 589 18.44 -12.69 12.01
N ASN B 590 17.34 -12.59 12.77
CA ASN B 590 17.40 -11.86 14.03
C ASN B 590 18.24 -12.57 15.09
N VAL B 591 18.37 -13.89 15.00
CA VAL B 591 19.28 -14.61 15.89
C VAL B 591 20.74 -14.33 15.51
N LEU B 592 21.05 -14.35 14.22
CA LEU B 592 22.43 -14.15 13.76
C LEU B 592 22.93 -12.73 14.02
N ARG B 593 22.03 -11.75 13.98
CA ARG B 593 22.42 -10.37 14.25
C ARG B 593 22.83 -10.12 15.71
N LYS B 594 22.46 -11.01 16.63
CA LYS B 594 22.63 -10.79 18.06
C LYS B 594 23.74 -11.64 18.69
N VAL B 595 24.01 -12.83 18.16
CA VAL B 595 24.97 -13.74 18.78
C VAL B 595 26.40 -13.21 18.65
N GLN B 596 27.25 -13.59 19.59
CA GLN B 596 28.65 -13.19 19.58
C GLN B 596 29.40 -13.96 18.49
N HIS B 597 30.50 -13.37 18.02
CA HIS B 597 31.21 -13.88 16.85
C HIS B 597 31.85 -15.24 17.12
N GLN B 598 32.39 -15.44 18.33
CA GLN B 598 33.02 -16.71 18.69
C GLN B 598 32.01 -17.85 18.73
N ASP B 599 30.75 -17.55 19.04
CA ASP B 599 29.69 -18.53 18.92
C ASP B 599 29.07 -18.55 17.54
N ALA B 600 29.16 -17.44 16.80
CA ALA B 600 28.63 -17.39 15.43
C ALA B 600 29.45 -18.24 14.48
N LEU B 601 30.73 -18.46 14.79
CA LEU B 601 31.57 -19.31 13.95
C LEU B 601 31.13 -20.77 13.99
N GLN B 602 30.50 -21.20 15.09
CA GLN B 602 30.25 -22.63 15.28
C GLN B 602 29.02 -23.13 14.54
N ILE B 603 28.00 -22.29 14.36
CA ILE B 603 26.76 -22.71 13.72
C ILE B 603 26.74 -22.45 12.22
N SER B 604 27.82 -21.88 11.67
CA SER B 604 27.78 -21.29 10.34
C SER B 604 27.64 -22.34 9.24
N ASP B 605 28.32 -23.48 9.39
CA ASP B 605 28.30 -24.50 8.34
C ASP B 605 26.94 -25.17 8.21
N VAL B 606 26.31 -25.50 9.34
CA VAL B 606 24.98 -26.10 9.27
C VAL B 606 23.95 -25.06 8.82
N VAL B 607 24.14 -23.78 9.16
CA VAL B 607 23.23 -22.73 8.70
C VAL B 607 23.31 -22.59 7.18
N MET B 608 24.53 -22.53 6.63
CA MET B 608 24.66 -22.37 5.18
C MET B 608 24.24 -23.63 4.44
N ALA B 609 24.45 -24.82 5.03
CA ALA B 609 24.00 -26.05 4.39
C ALA B 609 22.48 -26.12 4.32
N SER B 610 21.79 -25.72 5.39
CA SER B 610 20.33 -25.72 5.38
C SER B 610 19.77 -24.66 4.43
N LEU B 611 20.40 -23.48 4.38
CA LEU B 611 19.96 -22.44 3.45
C LEU B 611 20.18 -22.86 2.00
N LEU B 612 21.32 -23.52 1.73
CA LEU B 612 21.60 -24.03 0.39
C LEU B 612 20.62 -25.13 -0.01
N ARG B 613 20.26 -26.01 0.92
CA ARG B 613 19.33 -27.08 0.61
C ARG B 613 17.92 -26.55 0.38
N MET B 614 17.50 -25.54 1.15
CA MET B 614 16.19 -24.95 0.90
C MET B 614 16.18 -24.06 -0.34
N PHE B 615 17.36 -23.58 -0.79
CA PHE B 615 17.42 -22.88 -2.07
C PHE B 615 17.36 -23.86 -3.23
N GLN B 616 17.95 -25.04 -3.06
CA GLN B 616 17.97 -26.05 -4.12
C GLN B 616 16.61 -26.72 -4.28
N SER B 617 16.10 -27.32 -3.21
CA SER B 617 15.00 -28.28 -3.33
C SER B 617 13.67 -27.60 -3.61
N THR B 618 13.46 -26.39 -3.12
CA THR B 618 12.19 -25.69 -3.32
C THR B 618 12.06 -25.25 -4.77
N ALA B 619 10.85 -25.40 -5.31
CA ALA B 619 10.57 -25.09 -6.71
C ALA B 619 10.23 -23.61 -6.88
N GLY B 620 11.21 -22.76 -6.59
CA GLY B 620 11.06 -21.33 -6.72
C GLY B 620 10.19 -20.70 -5.66
N SER B 621 8.99 -20.28 -6.06
CA SER B 621 7.96 -19.64 -5.24
C SER B 621 8.38 -18.28 -4.68
N GLY B 622 9.48 -17.69 -5.17
CA GLY B 622 9.83 -16.31 -4.90
C GLY B 622 10.26 -15.95 -3.48
N GLY B 623 9.32 -16.07 -2.54
CA GLY B 623 9.54 -15.54 -1.21
C GLY B 623 10.63 -16.26 -0.44
N VAL B 624 10.68 -17.59 -0.55
CA VAL B 624 11.74 -18.34 0.11
C VAL B 624 13.09 -18.06 -0.53
N GLN B 625 13.12 -17.76 -1.84
CA GLN B 625 14.36 -17.38 -2.50
C GLN B 625 14.88 -16.03 -1.99
N GLU B 626 13.98 -15.06 -1.87
CA GLU B 626 14.34 -13.74 -1.32
C GLU B 626 14.85 -13.87 0.11
N ASP B 627 14.13 -14.64 0.94
CA ASP B 627 14.50 -14.79 2.34
C ASP B 627 15.80 -15.56 2.51
N ALA B 628 16.05 -16.54 1.64
CA ALA B 628 17.33 -17.25 1.68
C ALA B 628 18.49 -16.33 1.32
N LEU B 629 18.31 -15.49 0.28
CA LEU B 629 19.37 -14.55 -0.09
C LEU B 629 19.63 -13.52 1.00
N MET B 630 18.57 -13.02 1.65
CA MET B 630 18.77 -12.04 2.70
C MET B 630 19.38 -12.65 3.97
N ALA B 631 19.02 -13.90 4.28
CA ALA B 631 19.65 -14.61 5.40
C ALA B 631 21.14 -14.82 5.14
N VAL B 632 21.50 -15.19 3.90
CA VAL B 632 22.91 -15.33 3.54
C VAL B 632 23.63 -13.99 3.62
N SER B 633 22.95 -12.89 3.27
CA SER B 633 23.56 -11.56 3.37
C SER B 633 23.89 -11.18 4.81
N THR B 634 22.96 -11.45 5.74
CA THR B 634 23.27 -11.17 7.15
C THR B 634 24.35 -12.10 7.69
N LEU B 635 24.39 -13.36 7.22
CA LEU B 635 25.45 -14.28 7.62
C LEU B 635 26.81 -13.79 7.14
N VAL B 636 26.88 -13.28 5.91
CA VAL B 636 28.11 -12.73 5.36
C VAL B 636 28.56 -11.52 6.18
N GLU B 637 27.60 -10.65 6.51
CA GLU B 637 27.90 -9.43 7.27
C GLU B 637 28.43 -9.76 8.66
N VAL B 638 27.86 -10.76 9.34
CA VAL B 638 28.34 -11.05 10.68
C VAL B 638 29.62 -11.88 10.64
N LEU B 639 29.83 -12.69 9.60
CA LEU B 639 31.00 -13.56 9.58
C LEU B 639 32.25 -12.86 9.07
N GLY B 640 32.10 -11.80 8.27
CA GLY B 640 33.25 -11.03 7.85
C GLY B 640 34.10 -11.72 6.80
N GLY B 641 35.42 -11.65 6.96
CA GLY B 641 36.34 -12.20 5.98
C GLY B 641 36.47 -13.72 6.02
N GLU B 642 35.89 -14.37 7.02
CA GLU B 642 35.93 -15.82 7.11
C GLU B 642 34.89 -16.50 6.23
N PHE B 643 34.08 -15.73 5.50
CA PHE B 643 33.02 -16.32 4.68
C PHE B 643 33.56 -17.05 3.45
N LEU B 644 34.79 -16.74 3.01
CA LEU B 644 35.30 -17.19 1.71
C LEU B 644 35.49 -18.71 1.62
N LYS B 645 35.45 -19.42 2.75
CA LYS B 645 35.51 -20.89 2.71
C LYS B 645 34.24 -21.51 2.13
N TYR B 646 33.13 -20.78 2.09
CA TYR B 646 31.89 -21.28 1.53
C TYR B 646 31.60 -20.74 0.13
N MET B 647 32.54 -20.01 -0.48
CA MET B 647 32.21 -19.18 -1.64
C MET B 647 31.98 -20.01 -2.90
N GLU B 648 32.84 -21.00 -3.16
CA GLU B 648 32.79 -21.69 -4.45
C GLU B 648 31.57 -22.60 -4.57
N ALA B 649 31.00 -23.03 -3.44
CA ALA B 649 29.73 -23.73 -3.49
C ALA B 649 28.56 -22.77 -3.64
N PHE B 650 28.76 -21.50 -3.30
CA PHE B 650 27.69 -20.51 -3.36
C PHE B 650 27.64 -19.83 -4.72
N LYS B 651 28.74 -19.87 -5.48
CA LYS B 651 28.86 -19.11 -6.73
C LYS B 651 27.83 -19.46 -7.81
N PRO B 652 27.50 -20.72 -8.11
CA PRO B 652 26.44 -20.95 -9.12
C PRO B 652 25.05 -20.49 -8.67
N PHE B 653 24.75 -20.52 -7.38
CA PHE B 653 23.46 -20.00 -6.92
C PHE B 653 23.41 -18.49 -6.99
N LEU B 654 24.55 -17.83 -6.76
CA LEU B 654 24.64 -16.39 -7.01
C LEU B 654 24.47 -16.08 -8.48
N GLY B 655 25.04 -16.91 -9.35
CA GLY B 655 24.90 -16.71 -10.78
C GLY B 655 23.47 -16.88 -11.27
N ILE B 656 22.80 -17.94 -10.81
CA ILE B 656 21.41 -18.16 -11.20
C ILE B 656 20.46 -17.18 -10.53
N GLY B 657 20.87 -16.57 -9.41
CA GLY B 657 20.09 -15.47 -8.86
C GLY B 657 20.21 -14.21 -9.68
N LEU B 658 21.34 -14.03 -10.37
CA LEU B 658 21.51 -12.87 -11.25
C LEU B 658 20.95 -13.15 -12.65
N LYS B 659 21.12 -14.37 -13.14
CA LYS B 659 20.73 -14.71 -14.51
C LYS B 659 19.22 -14.73 -14.68
N ASN B 660 18.48 -15.08 -13.63
CA ASN B 660 17.03 -15.20 -13.70
C ASN B 660 16.42 -13.81 -13.46
N TYR B 661 16.09 -13.12 -14.55
CA TYR B 661 15.56 -11.77 -14.50
C TYR B 661 14.04 -11.72 -14.59
N ALA B 662 13.37 -12.87 -14.50
CA ALA B 662 11.92 -12.89 -14.62
C ALA B 662 11.25 -12.23 -13.43
N GLU B 663 11.69 -12.56 -12.22
CA GLU B 663 11.26 -11.87 -11.01
C GLU B 663 12.36 -10.90 -10.60
N TYR B 664 11.97 -9.66 -10.31
CA TYR B 664 12.95 -8.61 -10.06
C TYR B 664 13.36 -8.50 -8.60
N GLN B 665 12.56 -9.01 -7.67
CA GLN B 665 12.93 -8.89 -6.26
C GLN B 665 14.05 -9.84 -5.88
N VAL B 666 14.11 -11.03 -6.48
CA VAL B 666 15.20 -11.96 -6.19
C VAL B 666 16.53 -11.42 -6.74
N CYS B 667 16.50 -10.78 -7.91
CA CYS B 667 17.74 -10.21 -8.44
C CYS B 667 18.11 -8.92 -7.73
N LEU B 668 17.12 -8.19 -7.18
CA LEU B 668 17.44 -7.06 -6.30
C LEU B 668 18.15 -7.53 -5.04
N ALA B 669 17.66 -8.62 -4.44
CA ALA B 669 18.35 -9.22 -3.29
C ALA B 669 19.74 -9.73 -3.68
N ALA B 670 19.88 -10.26 -4.90
CA ALA B 670 21.17 -10.74 -5.36
C ALA B 670 22.19 -9.62 -5.55
N VAL B 671 21.77 -8.48 -6.13
CA VAL B 671 22.74 -7.40 -6.31
C VAL B 671 23.07 -6.71 -4.99
N GLY B 672 22.11 -6.63 -4.05
CA GLY B 672 22.44 -6.18 -2.70
C GLY B 672 23.41 -7.12 -2.00
N LEU B 673 23.25 -8.42 -2.23
CA LEU B 673 24.19 -9.40 -1.68
C LEU B 673 25.58 -9.24 -2.31
N VAL B 674 25.64 -8.90 -3.60
CA VAL B 674 26.92 -8.69 -4.27
C VAL B 674 27.64 -7.48 -3.65
N GLY B 675 26.88 -6.42 -3.37
CA GLY B 675 27.46 -5.26 -2.68
C GLY B 675 27.98 -5.59 -1.30
N ASP B 676 27.18 -6.32 -0.51
CA ASP B 676 27.62 -6.74 0.83
C ASP B 676 28.82 -7.67 0.76
N LEU B 677 28.84 -8.54 -0.25
CA LEU B 677 29.88 -9.54 -0.39
C LEU B 677 31.23 -8.92 -0.72
N CYS B 678 31.24 -7.98 -1.68
CA CYS B 678 32.50 -7.30 -2.00
C CYS B 678 32.94 -6.40 -0.85
N ARG B 679 31.99 -5.73 -0.20
CA ARG B 679 32.30 -4.87 0.94
C ARG B 679 32.88 -5.65 2.12
N ALA B 680 32.49 -6.92 2.26
CA ALA B 680 33.07 -7.75 3.31
C ALA B 680 34.41 -8.33 2.91
N LEU B 681 34.52 -8.87 1.68
CA LEU B 681 35.68 -9.65 1.33
C LEU B 681 36.87 -8.83 0.83
N GLN B 682 36.66 -7.55 0.44
CA GLN B 682 37.72 -6.60 0.07
C GLN B 682 38.50 -7.14 -1.12
N SER B 683 39.81 -7.40 -1.00
CA SER B 683 40.66 -7.70 -2.14
C SER B 683 40.60 -9.16 -2.59
N ASN B 684 39.87 -10.01 -1.87
CA ASN B 684 39.82 -11.43 -2.19
C ASN B 684 38.72 -11.78 -3.19
N ILE B 685 38.03 -10.78 -3.73
CA ILE B 685 36.87 -10.98 -4.59
C ILE B 685 37.33 -11.00 -6.05
N ILE B 686 38.66 -11.03 -6.26
CA ILE B 686 39.20 -10.97 -7.62
C ILE B 686 38.82 -12.15 -8.51
N PRO B 687 38.99 -13.44 -8.11
CA PRO B 687 38.69 -14.52 -9.07
C PRO B 687 37.21 -14.74 -9.34
N PHE B 688 36.29 -14.12 -8.58
CA PHE B 688 34.88 -14.35 -8.77
C PHE B 688 34.16 -13.25 -9.53
N CYS B 689 34.83 -12.15 -9.85
CA CYS B 689 34.14 -10.95 -10.29
C CYS B 689 33.91 -10.87 -11.79
N ASP B 690 34.55 -11.74 -12.60
CA ASP B 690 34.37 -11.69 -14.04
C ASP B 690 32.96 -12.12 -14.45
N GLU B 691 32.47 -13.22 -13.86
CA GLU B 691 31.09 -13.63 -14.10
C GLU B 691 30.09 -12.61 -13.57
N VAL B 692 30.43 -11.96 -12.46
CA VAL B 692 29.55 -10.95 -11.86
C VAL B 692 29.42 -9.74 -12.76
N MET B 693 30.55 -9.23 -13.31
CA MET B 693 30.47 -8.06 -14.19
C MET B 693 29.80 -8.42 -15.50
N GLN B 694 30.03 -9.64 -16.01
CA GLN B 694 29.37 -10.07 -17.25
C GLN B 694 27.86 -10.18 -17.08
N LEU B 695 27.41 -10.77 -15.96
CA LEU B 695 25.97 -10.86 -15.69
C LEU B 695 25.34 -9.50 -15.44
N LEU B 696 26.07 -8.58 -14.80
CA LEU B 696 25.54 -7.25 -14.55
C LEU B 696 25.42 -6.46 -15.86
N LEU B 697 26.39 -6.60 -16.77
CA LEU B 697 26.28 -5.95 -18.07
C LEU B 697 25.18 -6.55 -18.92
N GLU B 698 24.98 -7.88 -18.82
CA GLU B 698 23.87 -8.52 -19.54
C GLU B 698 22.52 -8.05 -19.00
N ASN B 699 22.41 -7.88 -17.68
CA ASN B 699 21.18 -7.35 -17.10
C ASN B 699 20.96 -5.90 -17.47
N LEU B 700 22.04 -5.13 -17.65
CA LEU B 700 21.92 -3.78 -18.17
C LEU B 700 21.49 -3.78 -19.64
N GLY B 701 21.83 -4.83 -20.38
CA GLY B 701 21.53 -4.87 -21.81
C GLY B 701 20.07 -5.11 -22.14
N ASN B 702 19.36 -5.87 -21.30
CA ASN B 702 17.97 -6.20 -21.56
C ASN B 702 17.08 -4.97 -21.33
N GLU B 703 16.03 -4.87 -22.13
CA GLU B 703 15.16 -3.69 -22.16
C GLU B 703 13.75 -3.95 -21.65
N ASN B 704 13.47 -5.13 -21.10
CA ASN B 704 12.14 -5.41 -20.59
C ASN B 704 12.12 -5.80 -19.11
N VAL B 705 13.24 -5.70 -18.41
CA VAL B 705 13.26 -5.90 -16.97
C VAL B 705 12.68 -4.67 -16.29
N HIS B 706 12.42 -4.78 -14.98
CA HIS B 706 11.81 -3.68 -14.25
C HIS B 706 12.78 -2.51 -14.13
N ARG B 707 12.22 -1.30 -14.04
CA ARG B 707 13.05 -0.10 -14.03
C ARG B 707 13.81 0.08 -12.73
N SER B 708 13.31 -0.47 -11.62
CA SER B 708 13.93 -0.27 -10.32
C SER B 708 15.21 -1.07 -10.13
N VAL B 709 15.46 -2.08 -10.96
CA VAL B 709 16.69 -2.86 -10.86
C VAL B 709 17.89 -2.04 -11.34
N LYS B 710 17.68 -1.19 -12.34
CA LYS B 710 18.72 -0.39 -12.98
C LYS B 710 19.52 0.57 -12.08
N PRO B 711 18.94 1.28 -11.10
CA PRO B 711 19.80 2.09 -10.20
C PRO B 711 20.79 1.30 -9.35
N GLN B 712 20.47 0.06 -8.96
CA GLN B 712 21.32 -0.65 -8.01
C GLN B 712 22.61 -1.17 -8.65
N ILE B 713 22.58 -1.46 -9.94
CA ILE B 713 23.73 -2.07 -10.62
C ILE B 713 24.88 -1.07 -10.74
N LEU B 714 24.56 0.21 -10.97
CA LEU B 714 25.60 1.25 -11.03
C LEU B 714 26.26 1.45 -9.66
N SER B 715 25.46 1.39 -8.59
CA SER B 715 25.99 1.54 -7.24
C SER B 715 26.89 0.36 -6.86
N VAL B 716 26.50 -0.87 -7.24
CA VAL B 716 27.40 -1.98 -6.93
C VAL B 716 28.61 -2.02 -7.86
N PHE B 717 28.55 -1.36 -9.03
CA PHE B 717 29.76 -1.12 -9.79
C PHE B 717 30.71 -0.18 -9.05
N GLY B 718 30.16 0.85 -8.41
CA GLY B 718 30.98 1.70 -7.55
C GLY B 718 31.58 0.93 -6.37
N ASP B 719 30.79 0.03 -5.78
CA ASP B 719 31.26 -0.77 -4.66
C ASP B 719 32.37 -1.74 -5.06
N ILE B 720 32.23 -2.40 -6.21
CA ILE B 720 33.28 -3.31 -6.65
C ILE B 720 34.52 -2.52 -7.10
N ALA B 721 34.35 -1.28 -7.56
CA ALA B 721 35.50 -0.42 -7.83
C ALA B 721 36.27 -0.10 -6.55
N LEU B 722 35.53 0.24 -5.49
CA LEU B 722 36.16 0.52 -4.20
C LEU B 722 36.84 -0.71 -3.62
N ALA B 723 36.24 -1.89 -3.80
CA ALA B 723 36.83 -3.10 -3.26
C ALA B 723 38.06 -3.53 -4.05
N ILE B 724 38.02 -3.41 -5.38
CA ILE B 724 39.12 -3.90 -6.20
C ILE B 724 40.29 -2.93 -6.21
N GLY B 725 40.06 -1.68 -6.57
CA GLY B 725 41.15 -0.71 -6.63
C GLY B 725 41.86 -0.73 -7.98
N GLY B 726 43.15 -1.10 -7.96
CA GLY B 726 44.01 -0.92 -9.13
C GLY B 726 43.74 -1.87 -10.27
N GLU B 727 43.06 -2.99 -10.02
CA GLU B 727 42.78 -3.97 -11.05
C GLU B 727 41.47 -3.70 -11.78
N PHE B 728 40.84 -2.55 -11.53
CA PHE B 728 39.58 -2.17 -12.16
C PHE B 728 39.79 -1.60 -13.56
N LYS B 729 41.04 -1.39 -13.99
CA LYS B 729 41.32 -0.73 -15.25
C LYS B 729 40.88 -1.54 -16.46
N LYS B 730 40.75 -2.86 -16.30
CA LYS B 730 40.27 -3.68 -17.41
C LYS B 730 38.76 -3.54 -17.63
N TYR B 731 38.02 -3.09 -16.61
CA TYR B 731 36.59 -2.81 -16.77
C TYR B 731 36.28 -1.33 -16.86
N LEU B 732 37.30 -0.48 -16.65
CA LEU B 732 37.10 0.96 -16.45
C LEU B 732 36.48 1.64 -17.67
N GLU B 733 36.98 1.33 -18.88
CA GLU B 733 36.47 1.99 -20.08
C GLU B 733 35.02 1.58 -20.38
N VAL B 734 34.70 0.30 -20.16
CA VAL B 734 33.35 -0.20 -20.40
C VAL B 734 32.37 0.44 -19.43
N VAL B 735 32.73 0.48 -18.14
CA VAL B 735 31.80 1.05 -17.16
C VAL B 735 31.72 2.57 -17.32
N LEU B 736 32.78 3.21 -17.82
CA LEU B 736 32.71 4.64 -18.09
C LEU B 736 31.79 4.95 -19.26
N ASN B 737 31.81 4.10 -20.30
CA ASN B 737 30.90 4.28 -21.43
C ASN B 737 29.44 4.05 -21.00
N THR B 738 29.20 3.03 -20.17
CA THR B 738 27.83 2.82 -19.68
C THR B 738 27.38 3.94 -18.75
N LEU B 739 28.30 4.51 -17.97
CA LEU B 739 27.96 5.66 -17.13
C LEU B 739 27.66 6.89 -17.97
N GLN B 740 28.38 7.08 -19.08
CA GLN B 740 28.08 8.16 -20.01
C GLN B 740 26.69 8.00 -20.61
N GLN B 741 26.36 6.77 -21.05
CA GLN B 741 25.04 6.52 -21.63
C GLN B 741 23.93 6.66 -20.60
N ALA B 742 24.19 6.26 -19.35
CA ALA B 742 23.18 6.39 -18.30
C ALA B 742 22.97 7.86 -17.92
N SER B 743 24.04 8.64 -17.87
CA SER B 743 23.91 10.05 -17.52
C SER B 743 23.30 10.86 -18.66
N GLN B 744 23.44 10.40 -19.90
CA GLN B 744 22.87 11.11 -21.04
C GLN B 744 21.39 10.83 -21.23
N ALA B 745 20.76 10.03 -20.36
CA ALA B 745 19.33 9.77 -20.45
C ALA B 745 18.55 10.79 -19.64
N GLN B 746 17.37 11.15 -20.15
CA GLN B 746 16.47 12.08 -19.48
C GLN B 746 15.04 11.62 -19.68
N VAL B 747 14.13 12.17 -18.87
CA VAL B 747 12.72 11.79 -18.88
C VAL B 747 11.90 13.03 -18.53
N ASP B 748 10.58 12.95 -18.78
CA ASP B 748 9.70 14.10 -18.67
C ASP B 748 9.49 14.55 -17.23
N LYS B 749 9.15 15.83 -17.08
CA LYS B 749 8.94 16.49 -15.80
C LYS B 749 7.50 16.38 -15.31
N SER B 750 6.59 15.84 -16.13
CA SER B 750 5.16 16.01 -15.91
C SER B 750 4.62 15.20 -14.73
N ASP B 751 5.32 14.14 -14.31
CA ASP B 751 4.81 13.25 -13.28
C ASP B 751 5.90 13.02 -12.24
N TYR B 752 5.53 13.10 -10.95
CA TYR B 752 6.52 12.84 -9.90
C TYR B 752 6.89 11.37 -9.82
N ASP B 753 6.05 10.48 -10.35
CA ASP B 753 6.38 9.06 -10.45
C ASP B 753 7.48 8.78 -11.46
N MET B 754 7.86 9.76 -12.29
CA MET B 754 9.06 9.69 -13.11
C MET B 754 10.19 10.56 -12.58
N VAL B 755 9.86 11.68 -11.92
CA VAL B 755 10.86 12.58 -11.36
C VAL B 755 11.62 11.90 -10.22
N ASP B 756 10.91 11.12 -9.40
CA ASP B 756 11.56 10.38 -8.32
C ASP B 756 12.53 9.33 -8.87
N TYR B 757 12.13 8.65 -9.96
CA TYR B 757 13.02 7.68 -10.60
C TYR B 757 14.25 8.37 -11.20
N LEU B 758 14.05 9.56 -11.77
CA LEU B 758 15.16 10.34 -12.31
C LEU B 758 16.15 10.73 -11.21
N ASN B 759 15.63 11.15 -10.04
CA ASN B 759 16.49 11.49 -8.91
C ASN B 759 17.26 10.28 -8.39
N GLU B 760 16.58 9.13 -8.35
CA GLU B 760 17.23 7.89 -7.89
C GLU B 760 18.37 7.47 -8.81
N LEU B 761 18.14 7.54 -10.13
CA LEU B 761 19.19 7.18 -11.07
C LEU B 761 20.34 8.18 -11.05
N ARG B 762 20.05 9.47 -10.83
CA ARG B 762 21.10 10.47 -10.70
C ARG B 762 21.98 10.21 -9.47
N GLU B 763 21.36 9.86 -8.34
CA GLU B 763 22.11 9.51 -7.13
C GLU B 763 22.99 8.28 -7.37
N SER B 764 22.46 7.29 -8.09
CA SER B 764 23.24 6.09 -8.39
C SER B 764 24.45 6.39 -9.26
N CYS B 765 24.28 7.26 -10.27
CA CYS B 765 25.41 7.62 -11.14
C CYS B 765 26.48 8.39 -10.37
N LEU B 766 26.07 9.30 -9.49
CA LEU B 766 27.03 10.04 -8.67
C LEU B 766 27.80 9.11 -7.72
N GLU B 767 27.10 8.13 -7.14
CA GLU B 767 27.76 7.14 -6.28
C GLU B 767 28.78 6.31 -7.05
N ALA B 768 28.45 5.93 -8.28
CA ALA B 768 29.38 5.16 -9.11
C ALA B 768 30.63 5.96 -9.45
N TYR B 769 30.47 7.26 -9.72
CA TYR B 769 31.63 8.09 -10.02
C TYR B 769 32.53 8.28 -8.80
N THR B 770 31.94 8.50 -7.61
CA THR B 770 32.75 8.57 -6.39
C THR B 770 33.46 7.25 -6.13
N GLY B 771 32.80 6.12 -6.41
CA GLY B 771 33.40 4.82 -6.20
C GLY B 771 34.61 4.58 -7.09
N ILE B 772 34.49 4.91 -8.38
CA ILE B 772 35.63 4.65 -9.27
C ILE B 772 36.79 5.60 -8.98
N VAL B 773 36.51 6.86 -8.60
CA VAL B 773 37.59 7.80 -8.28
C VAL B 773 38.33 7.37 -7.01
N GLN B 774 37.58 7.01 -5.97
CA GLN B 774 38.22 6.58 -4.72
C GLN B 774 38.89 5.23 -4.85
N GLY B 775 38.39 4.36 -5.74
CA GLY B 775 39.07 3.10 -5.97
C GLY B 775 40.39 3.25 -6.69
N LEU B 776 40.42 4.09 -7.72
CA LEU B 776 41.68 4.29 -8.44
C LEU B 776 42.66 5.17 -7.67
N LYS B 777 42.17 5.92 -6.68
CA LYS B 777 43.04 6.82 -5.92
C LYS B 777 44.04 6.08 -5.04
N GLY B 778 43.66 4.93 -4.49
CA GLY B 778 44.53 4.17 -3.63
C GLY B 778 44.40 4.55 -2.17
N ASP B 779 45.14 3.82 -1.33
CA ASP B 779 45.08 3.99 0.12
C ASP B 779 46.31 4.67 0.69
N GLN B 780 47.26 5.10 -0.14
CA GLN B 780 48.51 5.65 0.34
C GLN B 780 48.38 7.15 0.62
N GLU B 781 49.44 7.72 1.21
CA GLU B 781 49.46 9.13 1.55
C GLU B 781 49.61 10.04 0.34
N ASN B 782 50.04 9.51 -0.80
CA ASN B 782 50.13 10.26 -2.05
C ASN B 782 49.32 9.54 -3.10
N VAL B 783 48.72 10.30 -4.02
CA VAL B 783 47.79 9.72 -4.98
C VAL B 783 48.56 8.90 -6.02
N HIS B 784 47.98 7.77 -6.41
CA HIS B 784 48.60 6.85 -7.35
C HIS B 784 48.57 7.45 -8.76
N PRO B 785 49.54 7.10 -9.62
CA PRO B 785 49.49 7.56 -11.01
C PRO B 785 48.34 7.00 -11.84
N ASP B 786 47.64 5.95 -11.37
CA ASP B 786 46.57 5.35 -12.15
C ASP B 786 45.30 6.19 -12.18
N VAL B 787 45.21 7.27 -11.40
CA VAL B 787 44.06 8.18 -11.47
C VAL B 787 44.04 8.93 -12.80
N MET B 788 45.19 9.09 -13.43
CA MET B 788 45.31 9.83 -14.69
C MET B 788 44.70 9.10 -15.90
N LEU B 789 44.14 7.90 -15.71
CA LEU B 789 43.34 7.28 -16.75
C LEU B 789 41.92 7.84 -16.80
N VAL B 790 41.53 8.65 -15.82
CA VAL B 790 40.20 9.26 -15.78
C VAL B 790 40.21 10.70 -16.31
N GLN B 791 41.39 11.33 -16.44
CA GLN B 791 41.53 12.76 -16.71
C GLN B 791 40.89 13.34 -17.99
N PRO B 792 40.58 12.60 -19.07
CA PRO B 792 39.75 13.24 -20.11
C PRO B 792 38.31 13.42 -19.68
N ARG B 793 37.81 12.63 -18.73
CA ARG B 793 36.40 12.64 -18.39
C ARG B 793 36.03 13.73 -17.39
N VAL B 794 36.99 14.53 -16.90
CA VAL B 794 36.70 15.46 -15.82
C VAL B 794 35.81 16.61 -16.29
N GLU B 795 35.97 17.06 -17.54
CA GLU B 795 35.09 18.10 -18.09
C GLU B 795 33.68 17.55 -18.32
N PHE B 796 33.58 16.28 -18.73
CA PHE B 796 32.29 15.62 -18.88
C PHE B 796 31.57 15.51 -17.54
N ILE B 797 32.31 15.11 -16.49
CA ILE B 797 31.74 14.98 -15.15
C ILE B 797 31.31 16.35 -14.62
N LEU B 798 32.12 17.38 -14.87
CA LEU B 798 31.78 18.72 -14.41
C LEU B 798 30.58 19.29 -15.17
N SER B 799 30.45 18.97 -16.46
CA SER B 799 29.26 19.37 -17.20
C SER B 799 28.02 18.62 -16.72
N PHE B 800 28.18 17.36 -16.33
CA PHE B 800 27.07 16.58 -15.79
C PHE B 800 26.59 17.12 -14.45
N ILE B 801 27.53 17.46 -13.56
CA ILE B 801 27.14 18.03 -12.27
C ILE B 801 26.65 19.46 -12.45
N ASP B 802 27.11 20.16 -13.49
CA ASP B 802 26.54 21.46 -13.85
C ASP B 802 25.10 21.31 -14.33
N HIS B 803 24.83 20.26 -15.11
CA HIS B 803 23.49 20.03 -15.65
C HIS B 803 22.49 19.70 -14.55
N ILE B 804 22.89 18.87 -13.57
CA ILE B 804 21.98 18.64 -12.44
C ILE B 804 21.93 19.87 -11.53
N ALA B 805 23.02 20.67 -11.50
CA ALA B 805 23.01 21.91 -10.72
C ALA B 805 22.05 22.95 -11.30
N GLY B 806 21.81 22.90 -12.61
CA GLY B 806 20.90 23.84 -13.24
C GLY B 806 19.44 23.62 -12.93
N ASP B 807 19.08 22.42 -12.48
CA ASP B 807 17.68 22.11 -12.20
C ASP B 807 17.22 22.80 -10.92
N GLU B 808 15.90 22.99 -10.82
CA GLU B 808 15.29 23.71 -9.71
C GLU B 808 14.63 22.79 -8.69
N ASP B 809 14.48 21.51 -9.00
CA ASP B 809 13.79 20.56 -8.12
C ASP B 809 14.76 19.43 -7.78
N HIS B 810 15.03 19.25 -6.49
CA HIS B 810 16.06 18.31 -6.06
C HIS B 810 15.58 17.50 -4.85
N THR B 811 15.87 16.22 -4.87
CA THR B 811 15.95 15.45 -3.64
C THR B 811 17.27 15.79 -2.96
N ASP B 812 17.27 15.82 -1.62
CA ASP B 812 18.45 16.26 -0.87
C ASP B 812 19.62 15.28 -0.98
N GLY B 813 19.35 14.01 -1.26
CA GLY B 813 20.42 13.06 -1.49
C GLY B 813 21.23 13.36 -2.73
N VAL B 814 20.61 14.03 -3.72
CA VAL B 814 21.30 14.41 -4.94
C VAL B 814 22.41 15.42 -4.64
N VAL B 815 22.08 16.49 -3.93
CA VAL B 815 23.11 17.49 -3.60
C VAL B 815 24.09 16.94 -2.57
N ALA B 816 23.62 16.04 -1.68
CA ALA B 816 24.50 15.41 -0.70
C ALA B 816 25.56 14.54 -1.38
N CYS B 817 25.19 13.80 -2.41
CA CYS B 817 26.16 12.98 -3.13
C CYS B 817 27.02 13.80 -4.06
N ALA B 818 26.45 14.85 -4.66
CA ALA B 818 27.20 15.69 -5.59
C ALA B 818 28.31 16.47 -4.88
N ALA B 819 28.05 16.93 -3.65
CA ALA B 819 29.10 17.60 -2.88
C ALA B 819 30.26 16.67 -2.58
N GLY B 820 29.96 15.40 -2.28
CA GLY B 820 31.02 14.42 -2.05
C GLY B 820 31.83 14.14 -3.31
N LEU B 821 31.16 14.10 -4.47
CA LEU B 821 31.89 13.91 -5.72
C LEU B 821 32.79 15.11 -6.03
N ILE B 822 32.31 16.33 -5.73
CA ILE B 822 33.13 17.53 -5.91
C ILE B 822 34.36 17.50 -5.00
N GLY B 823 34.17 17.03 -3.76
CA GLY B 823 35.31 16.87 -2.85
C GLY B 823 36.31 15.82 -3.32
N ASP B 824 35.79 14.70 -3.86
CA ASP B 824 36.66 13.67 -4.42
C ASP B 824 37.47 14.20 -5.62
N LEU B 825 36.83 15.00 -6.48
CA LEU B 825 37.53 15.59 -7.60
C LEU B 825 38.54 16.64 -7.16
N CYS B 826 38.27 17.34 -6.06
CA CYS B 826 39.24 18.29 -5.51
C CYS B 826 40.47 17.57 -4.98
N THR B 827 40.27 16.44 -4.29
CA THR B 827 41.41 15.67 -3.80
C THR B 827 42.14 14.90 -4.91
N ALA B 828 41.45 14.61 -6.01
CA ALA B 828 41.97 13.66 -7.00
C ALA B 828 43.11 14.25 -7.84
N PHE B 829 42.99 15.50 -8.27
CA PHE B 829 43.92 16.08 -9.23
C PHE B 829 44.50 17.38 -8.68
N GLY B 830 45.37 17.99 -9.48
CA GLY B 830 46.08 19.19 -9.07
C GLY B 830 45.29 20.46 -9.25
N LYS B 831 46.00 21.55 -9.54
CA LYS B 831 45.41 22.88 -9.65
C LYS B 831 44.63 23.09 -10.94
N ASP B 832 44.67 22.13 -11.87
CA ASP B 832 44.03 22.29 -13.17
C ASP B 832 42.50 22.28 -13.08
N VAL B 833 41.94 21.80 -11.97
CA VAL B 833 40.49 21.77 -11.78
C VAL B 833 39.93 23.17 -11.53
N LEU B 834 40.78 24.12 -11.13
CA LEU B 834 40.32 25.45 -10.72
C LEU B 834 39.77 26.24 -11.89
N LYS B 835 40.45 26.22 -13.04
CA LYS B 835 39.98 26.97 -14.20
C LYS B 835 38.75 26.35 -14.85
N LEU B 836 38.39 25.13 -14.48
CA LEU B 836 37.13 24.52 -14.90
C LEU B 836 36.00 24.81 -13.93
N VAL B 837 36.29 24.78 -12.62
CA VAL B 837 35.22 25.06 -11.66
C VAL B 837 34.91 26.54 -11.53
N GLU B 838 35.82 27.42 -11.97
CA GLU B 838 35.53 28.85 -11.92
C GLU B 838 34.56 29.29 -13.01
N ALA B 839 34.33 28.46 -14.03
CA ALA B 839 33.49 28.84 -15.16
C ALA B 839 32.01 28.57 -14.95
N ARG B 840 31.64 27.79 -13.95
CA ARG B 840 30.25 27.40 -13.73
C ARG B 840 29.79 27.84 -12.34
N PRO B 841 28.82 28.74 -12.24
CA PRO B 841 28.47 29.30 -10.92
C PRO B 841 27.49 28.46 -10.11
N MET B 842 26.71 27.59 -10.75
CA MET B 842 25.66 26.87 -10.03
C MET B 842 26.22 25.81 -9.08
N ILE B 843 27.43 25.32 -9.31
CA ILE B 843 28.05 24.44 -8.32
C ILE B 843 28.46 25.24 -7.09
N HIS B 844 28.83 26.51 -7.25
CA HIS B 844 29.11 27.37 -6.11
C HIS B 844 27.82 27.77 -5.39
N GLU B 845 26.69 27.81 -6.12
CA GLU B 845 25.40 27.93 -5.45
C GLU B 845 25.09 26.67 -4.64
N LEU B 846 25.35 25.50 -5.22
CA LEU B 846 25.00 24.22 -4.59
C LEU B 846 25.84 23.98 -3.34
N LEU B 847 27.10 24.43 -3.34
CA LEU B 847 27.95 24.22 -2.17
C LEU B 847 27.57 25.13 -0.99
N THR B 848 26.70 26.12 -1.21
CA THR B 848 26.08 26.86 -0.11
C THR B 848 24.72 26.30 0.24
N GLU B 849 23.97 25.82 -0.77
CA GLU B 849 22.67 25.20 -0.52
C GLU B 849 22.80 23.91 0.30
N GLY B 850 23.92 23.19 0.14
CA GLY B 850 24.14 22.00 0.95
C GLY B 850 24.38 22.34 2.41
N ARG B 851 25.10 23.43 2.69
CA ARG B 851 25.36 23.82 4.06
C ARG B 851 24.17 24.48 4.72
N ARG B 852 23.30 25.15 3.95
CA ARG B 852 22.12 25.75 4.57
C ARG B 852 20.97 24.77 4.74
N SER B 853 21.09 23.55 4.23
CA SER B 853 20.03 22.56 4.34
C SER B 853 19.98 21.97 5.75
N LYS B 854 18.90 21.26 6.05
CA LYS B 854 18.71 20.70 7.38
C LYS B 854 19.18 19.25 7.50
N THR B 855 19.34 18.54 6.39
CA THR B 855 19.88 17.19 6.42
C THR B 855 21.39 17.26 6.64
N ASN B 856 21.88 16.48 7.61
CA ASN B 856 23.20 16.72 8.21
C ASN B 856 24.36 16.32 7.29
N LYS B 857 24.21 15.20 6.57
CA LYS B 857 25.33 14.71 5.77
C LYS B 857 25.61 15.61 4.57
N ALA B 858 24.57 16.29 4.06
CA ALA B 858 24.78 17.31 3.04
C ALA B 858 25.60 18.47 3.58
N LYS B 859 25.31 18.90 4.82
CA LYS B 859 26.05 19.99 5.45
C LYS B 859 27.51 19.62 5.65
N THR B 860 27.77 18.41 6.18
CA THR B 860 29.14 18.00 6.46
C THR B 860 29.94 17.79 5.18
N LEU B 861 29.35 17.12 4.18
CA LEU B 861 30.07 16.89 2.93
C LEU B 861 30.27 18.17 2.13
N ALA B 862 29.31 19.09 2.18
CA ALA B 862 29.49 20.38 1.50
C ALA B 862 30.54 21.23 2.20
N ARG B 863 30.60 21.17 3.54
CA ARG B 863 31.65 21.87 4.27
C ARG B 863 33.03 21.32 3.93
N TRP B 864 33.16 19.99 3.85
CA TRP B 864 34.42 19.37 3.49
C TRP B 864 34.84 19.72 2.06
N ALA B 865 33.87 19.70 1.13
CA ALA B 865 34.15 20.02 -0.27
C ALA B 865 34.55 21.48 -0.43
N THR B 866 33.85 22.40 0.24
CA THR B 866 34.21 23.81 0.10
C THR B 866 35.50 24.13 0.86
N LYS B 867 35.84 23.35 1.89
CA LYS B 867 37.13 23.51 2.54
C LYS B 867 38.28 23.11 1.62
N GLU B 868 38.12 21.98 0.92
CA GLU B 868 39.13 21.57 -0.06
C GLU B 868 39.23 22.57 -1.22
N LEU B 869 38.08 23.09 -1.67
CA LEU B 869 38.07 24.03 -2.78
C LEU B 869 38.71 25.37 -2.40
N ARG B 870 38.43 25.86 -1.18
CA ARG B 870 39.06 27.10 -0.72
C ARG B 870 40.54 26.91 -0.45
N LYS B 871 40.95 25.72 0.00
CA LYS B 871 42.36 25.43 0.15
C LYS B 871 43.09 25.42 -1.18
N LEU B 872 42.44 24.85 -2.22
CA LEU B 872 43.01 24.87 -3.56
C LEU B 872 43.08 26.29 -4.12
N LYS B 873 42.06 27.11 -3.85
CA LYS B 873 42.01 28.45 -4.44
C LYS B 873 43.01 29.40 -3.79
N ASN B 874 43.25 29.25 -2.48
CA ASN B 874 44.17 30.15 -1.80
C ASN B 874 45.63 29.85 -2.10
N GLN B 875 45.93 28.69 -2.66
CA GLN B 875 47.30 28.34 -3.05
C GLN B 875 47.62 28.84 -4.45
N ALA B 876 47.62 30.16 -4.58
CA ALA B 876 47.89 30.81 -5.86
C ALA B 876 49.39 30.99 -6.07
N MET C 1 -0.34 16.75 -1.48
CA MET C 1 0.17 16.71 -2.84
C MET C 1 -0.42 15.53 -3.61
N SER C 2 -0.10 14.32 -3.16
CA SER C 2 -0.59 13.11 -3.79
C SER C 2 -1.95 12.72 -3.22
N THR C 3 -2.46 11.56 -3.65
CA THR C 3 -3.74 11.04 -3.20
C THR C 3 -3.52 9.74 -2.45
N ASN C 4 -4.15 9.60 -1.29
CA ASN C 4 -4.03 8.40 -0.48
C ASN C 4 -4.82 7.25 -1.09
N GLU C 5 -4.62 6.06 -0.52
CA GLU C 5 -5.30 4.86 -1.00
C GLU C 5 -6.77 4.88 -0.58
N ASN C 6 -7.62 4.29 -1.43
CA ASN C 6 -9.05 4.33 -1.19
C ASN C 6 -9.65 2.93 -1.02
N ALA C 7 -9.83 2.21 -2.13
CA ALA C 7 -10.43 0.87 -2.23
C ALA C 7 -11.86 0.80 -1.69
N ASN C 8 -12.42 -0.41 -1.63
CA ASN C 8 -13.78 -0.59 -1.12
C ASN C 8 -13.77 -0.56 0.40
N THR C 9 -14.63 0.28 0.97
CA THR C 9 -14.53 0.60 2.39
C THR C 9 -14.82 -0.52 3.40
N PRO C 10 -15.63 -1.58 3.15
CA PRO C 10 -15.67 -2.67 4.14
C PRO C 10 -14.39 -3.47 4.22
N ALA C 11 -13.54 -3.44 3.19
CA ALA C 11 -12.23 -4.06 3.27
C ALA C 11 -11.13 -3.05 3.57
N ALA C 12 -11.33 -1.78 3.19
CA ALA C 12 -10.31 -0.77 3.39
C ALA C 12 -10.20 -0.36 4.85
N ARG C 13 -11.33 -0.07 5.49
CA ARG C 13 -11.33 0.37 6.87
C ARG C 13 -11.14 -0.78 7.85
N LEU C 14 -11.32 -2.02 7.40
CA LEU C 14 -11.24 -3.18 8.29
C LEU C 14 -9.83 -3.43 8.80
N HIS C 15 -8.81 -2.96 8.09
CA HIS C 15 -7.44 -3.12 8.56
C HIS C 15 -7.03 -2.07 9.57
N ARG C 16 -7.91 -1.11 9.88
CA ARG C 16 -7.70 -0.20 11.00
C ARG C 16 -8.33 -0.72 12.29
N PHE C 17 -9.11 -1.78 12.23
CA PHE C 17 -9.77 -2.33 13.40
C PHE C 17 -8.83 -3.28 14.13
N LYS C 18 -8.58 -2.98 15.41
CA LYS C 18 -7.72 -3.76 16.32
C LYS C 18 -6.34 -4.07 15.74
N ASN C 19 -6.05 -5.34 15.52
CA ASN C 19 -4.79 -5.77 14.94
C ASN C 19 -5.01 -6.58 13.68
N LYS C 20 -6.02 -6.17 12.89
CA LYS C 20 -6.31 -6.86 11.63
C LYS C 20 -5.28 -6.51 10.56
N GLY C 21 -4.76 -5.28 10.57
CA GLY C 21 -3.86 -4.84 9.52
C GLY C 21 -2.40 -5.16 9.77
N LYS C 22 -2.12 -6.35 10.27
CA LYS C 22 -0.76 -6.80 10.55
C LYS C 22 -0.60 -8.25 10.12
N ASP C 23 -0.91 -8.54 8.86
CA ASP C 23 -0.70 -9.87 8.31
C ASP C 23 0.77 -10.04 7.91
N SER C 24 1.09 -11.21 7.36
CA SER C 24 2.49 -11.59 7.14
C SER C 24 3.16 -10.77 6.04
N THR C 25 2.39 -10.29 5.07
CA THR C 25 2.97 -9.51 3.98
C THR C 25 3.41 -8.13 4.45
N GLU C 26 2.61 -7.48 5.31
CA GLU C 26 2.95 -6.16 5.82
C GLU C 26 4.16 -6.22 6.75
N MET C 27 4.21 -7.23 7.62
CA MET C 27 5.38 -7.40 8.48
C MET C 27 6.62 -7.75 7.66
N ARG C 28 6.44 -8.50 6.55
CA ARG C 28 7.57 -8.81 5.69
C ARG C 28 8.12 -7.57 4.99
N ARG C 29 7.25 -6.67 4.51
CA ARG C 29 7.78 -5.47 3.85
C ARG C 29 8.40 -4.48 4.84
N ARG C 30 7.91 -4.47 6.09
CA ARG C 30 8.59 -3.69 7.14
C ARG C 30 9.99 -4.25 7.40
N ARG C 31 10.12 -5.58 7.44
CA ARG C 31 11.42 -6.21 7.57
C ARG C 31 12.32 -5.98 6.35
N ILE C 32 11.73 -5.70 5.19
CA ILE C 32 12.55 -5.30 4.04
C ILE C 32 13.13 -3.90 4.25
N GLU C 33 12.28 -2.94 4.64
CA GLU C 33 12.74 -1.54 4.63
C GLU C 33 13.76 -1.26 5.75
N VAL C 34 13.61 -1.90 6.92
CA VAL C 34 14.63 -1.68 7.95
C VAL C 34 15.98 -2.30 7.55
N ASN C 35 15.92 -3.43 6.84
CA ASN C 35 17.12 -4.11 6.37
C ASN C 35 17.84 -3.31 5.29
N VAL C 36 17.09 -2.57 4.48
CA VAL C 36 17.71 -1.67 3.51
C VAL C 36 18.37 -0.49 4.21
N GLU C 37 17.69 0.10 5.19
CA GLU C 37 18.20 1.33 5.81
C GLU C 37 19.46 1.09 6.64
N LEU C 38 19.59 -0.08 7.29
CA LEU C 38 20.83 -0.31 8.03
C LEU C 38 22.03 -0.51 7.11
N ARG C 39 21.82 -1.12 5.94
CA ARG C 39 22.89 -1.24 4.94
C ARG C 39 23.30 0.13 4.41
N LYS C 40 22.32 1.01 4.18
CA LYS C 40 22.61 2.37 3.74
C LYS C 40 23.44 3.13 4.76
N ALA C 41 23.09 3.00 6.04
CA ALA C 41 23.88 3.62 7.11
C ALA C 41 25.28 3.02 7.23
N LYS C 42 25.41 1.70 6.98
CA LYS C 42 26.72 1.06 6.99
C LYS C 42 27.63 1.62 5.89
N LYS C 43 27.10 1.80 4.68
CA LYS C 43 27.90 2.37 3.59
C LYS C 43 28.28 3.82 3.89
N ASP C 44 27.33 4.60 4.42
CA ASP C 44 27.60 6.00 4.74
C ASP C 44 28.67 6.13 5.84
N ASP C 45 28.66 5.21 6.80
CA ASP C 45 29.69 5.21 7.85
C ASP C 45 31.04 4.77 7.29
N GLN C 46 31.04 3.75 6.42
CA GLN C 46 32.29 3.19 5.92
C GLN C 46 33.00 4.11 4.94
N MET C 47 32.27 5.01 4.26
CA MET C 47 32.90 5.90 3.29
C MET C 47 33.82 6.92 3.96
N LEU C 48 33.39 7.51 5.09
CA LEU C 48 34.11 8.64 5.68
C LEU C 48 35.44 8.25 6.31
N LYS C 49 35.71 6.96 6.48
CA LYS C 49 37.00 6.52 7.00
C LYS C 49 38.13 6.81 6.01
N ARG C 50 37.82 6.84 4.71
CA ARG C 50 38.83 7.14 3.71
C ARG C 50 39.15 8.62 3.66
N ARG C 51 38.11 9.47 3.63
CA ARG C 51 38.31 10.90 3.40
C ARG C 51 38.86 11.63 4.62
N ASN C 52 38.56 11.11 5.82
CA ASN C 52 38.89 11.71 7.13
C ASN C 52 38.24 13.08 7.34
N VAL C 53 37.21 13.41 6.55
CA VAL C 53 36.47 14.68 6.56
C VAL C 53 37.36 15.92 6.50
N LYS D 1 -42.51 18.68 -16.87
CA LYS D 1 -41.51 19.32 -17.72
C LYS D 1 -40.10 18.92 -17.31
N PRO D 2 -39.23 18.67 -18.30
CA PRO D 2 -37.82 18.42 -17.99
C PRO D 2 -37.12 19.61 -17.37
N ALA D 3 -37.51 20.84 -17.73
CA ALA D 3 -37.17 22.10 -17.09
C ALA D 3 -35.69 22.48 -17.12
N PHE D 4 -34.79 21.56 -16.76
CA PHE D 4 -33.38 21.87 -16.63
C PHE D 4 -32.55 21.00 -17.55
N SER D 5 -31.53 21.61 -18.16
CA SER D 5 -30.56 20.90 -18.98
C SER D 5 -29.19 21.51 -18.76
N PHE D 6 -28.17 20.72 -19.05
CA PHE D 6 -26.78 21.12 -18.86
C PHE D 6 -26.14 21.30 -20.22
N GLY D 7 -25.36 22.36 -20.37
CA GLY D 7 -24.79 22.73 -21.65
C GLY D 7 -23.57 23.61 -21.53
N ALA E 1 -28.71 30.06 -4.54
CA ALA E 1 -29.60 29.67 -3.46
C ALA E 1 -29.79 28.16 -3.41
N PHE E 2 -30.35 27.68 -2.31
CA PHE E 2 -30.47 26.25 -2.05
C PHE E 2 -31.66 26.05 -1.13
N SER E 3 -32.62 25.23 -1.54
CA SER E 3 -33.94 25.24 -0.92
C SER E 3 -34.42 23.84 -0.59
N PHE E 4 -33.61 23.06 0.12
CA PHE E 4 -34.08 21.77 0.60
C PHE E 4 -35.05 21.97 1.77
#